data_3KFC
#
_entry.id   3KFC
#
_cell.length_a   58.993
_cell.length_b   99.286
_cell.length_c   174.962
_cell.angle_alpha   90.00
_cell.angle_beta   90.00
_cell.angle_gamma   90.00
#
_symmetry.space_group_name_H-M   'P 21 21 21'
#
loop_
_entity.id
_entity.type
_entity.pdbx_description
1 polymer 'Oxysterols receptor LXR-beta'
2 non-polymer 4-{3-[3-(methylsulfonyl)phenoxy]phenyl}-8-(trifluoromethyl)quinoline
3 water water
#
_entity_poly.entity_id   1
_entity_poly.type   'polypeptide(L)'
_entity_poly.pdbx_seq_one_letter_code
;GSHMGEGEGVQLTAAQELMIQQLVAAQLQCNKRSFSDQPKVTPWPLGADPQSRDARQQRFAHFTELAIISVQEIVDFAKQ
VPGFLQLGREDQIALLKASTIEIMLLETARRYNHETECITFLKDFTYSKDDFHRAGLQVEFINPIFEFSRAMRRLGLDDA
EYALLIAINIFSADRPNVQEPGRVEALQQPYVEALLSYTRIKRPQDQLRFPRMLMKLVSLRTLSSVHSEQVFALRLQDKK
LPPLLSEIWDVHE
;
_entity_poly.pdbx_strand_id   A,B,C,D
#
loop_
_chem_comp.id
_chem_comp.type
_chem_comp.name
_chem_comp.formula
61X non-polymer 4-{3-[3-(methylsulfonyl)phenoxy]phenyl}-8-(trifluoromethyl)quinoline 'C23 H16 F3 N O3 S'
#
# COMPACT_ATOMS: atom_id res chain seq x y z
N LEU A 12 52.59 13.78 -2.13
CA LEU A 12 51.88 14.53 -1.06
C LEU A 12 52.87 15.24 -0.15
N THR A 13 52.39 16.20 0.63
CA THR A 13 53.21 16.88 1.64
C THR A 13 53.17 16.04 2.91
N ALA A 14 54.10 16.31 3.82
CA ALA A 14 54.12 15.61 5.10
C ALA A 14 52.82 15.84 5.86
N ALA A 15 52.30 17.08 5.80
CA ALA A 15 51.05 17.46 6.48
C ALA A 15 49.82 16.71 5.94
N GLN A 16 49.74 16.59 4.62
CA GLN A 16 48.66 15.87 3.94
C GLN A 16 48.73 14.37 4.19
N GLU A 17 49.92 13.79 4.13
CA GLU A 17 50.06 12.35 4.35
C GLU A 17 49.78 11.93 5.80
N LEU A 18 50.18 12.76 6.76
CA LEU A 18 49.83 12.50 8.15
C LEU A 18 48.33 12.52 8.36
N MET A 19 47.69 13.55 7.80
CA MET A 19 46.24 13.71 7.75
C MET A 19 45.52 12.47 7.24
N ILE A 20 45.95 11.98 6.09
CA ILE A 20 45.33 10.81 5.45
C ILE A 20 45.47 9.57 6.35
N GLN A 21 46.67 9.34 6.88
CA GLN A 21 46.93 8.29 7.88
C GLN A 21 46.02 8.40 9.11
N GLN A 22 45.86 9.62 9.62
CA GLN A 22 44.95 9.84 10.73
C GLN A 22 43.54 9.36 10.38
N LEU A 23 43.05 9.71 9.19
CA LEU A 23 41.68 9.38 8.78
C LEU A 23 41.50 7.89 8.55
N VAL A 24 42.47 7.31 7.84
CA VAL A 24 42.51 5.87 7.58
C VAL A 24 42.55 5.05 8.87
N ALA A 25 43.39 5.45 9.83
CA ALA A 25 43.48 4.75 11.11
C ALA A 25 42.23 4.91 11.98
N ALA A 26 41.50 6.02 11.82
CA ALA A 26 40.25 6.23 12.56
C ALA A 26 39.14 5.35 11.98
N GLN A 27 39.12 5.29 10.65
CA GLN A 27 38.21 4.45 9.87
C GLN A 27 38.40 2.97 10.20
N LEU A 28 39.65 2.53 10.38
CA LEU A 28 39.93 1.14 10.70
C LEU A 28 39.56 0.78 12.15
N GLN A 29 39.81 1.70 13.08
CA GLN A 29 39.37 1.53 14.45
C GLN A 29 37.83 1.53 14.52
N CYS A 30 37.17 2.21 13.58
CA CYS A 30 35.71 2.16 13.50
C CYS A 30 35.24 0.79 13.01
N ASN A 31 35.89 0.28 11.97
CA ASN A 31 35.55 -1.03 11.39
C ASN A 31 35.83 -2.20 12.33
N LYS A 32 36.87 -2.08 13.14
CA LYS A 32 37.26 -3.12 14.08
C LYS A 32 36.18 -3.24 15.16
N ARG A 33 35.56 -2.11 15.50
CA ARG A 33 34.43 -2.11 16.43
C ARG A 33 33.15 -2.67 15.79
N SER A 34 33.01 -2.50 14.47
CA SER A 34 31.92 -3.13 13.71
C SER A 34 31.98 -4.65 13.84
N PHE A 35 33.19 -5.20 13.75
CA PHE A 35 33.40 -6.64 13.84
C PHE A 35 32.95 -7.17 15.19
N SER A 36 33.51 -6.59 16.26
CA SER A 36 33.18 -6.92 17.66
C SER A 36 31.69 -6.90 18.00
N ASP A 37 30.90 -6.11 17.26
CA ASP A 37 29.49 -5.89 17.58
C ASP A 37 28.52 -6.94 17.05
N GLN A 38 28.99 -7.82 16.16
CA GLN A 38 28.15 -8.88 15.57
C GLN A 38 27.42 -9.78 16.58
N PRO A 39 28.12 -10.26 17.62
CA PRO A 39 27.40 -11.09 18.58
C PRO A 39 26.47 -10.29 19.52
N LYS A 40 26.62 -8.96 19.55
CA LYS A 40 25.74 -8.09 20.34
C LYS A 40 24.37 -7.86 19.68
N VAL A 41 24.32 -8.06 18.37
CA VAL A 41 23.14 -7.66 17.59
C VAL A 41 22.03 -8.71 17.62
N THR A 42 20.79 -8.23 17.74
CA THR A 42 19.59 -9.06 17.60
C THR A 42 19.72 -9.91 16.35
N PRO A 43 19.54 -11.24 16.48
CA PRO A 43 19.63 -12.13 15.33
C PRO A 43 18.67 -11.72 14.20
N TRP A 44 19.04 -12.06 12.98
CA TRP A 44 18.16 -11.88 11.83
C TRP A 44 17.20 -13.09 11.78
N PRO A 45 15.90 -12.85 11.97
CA PRO A 45 14.92 -13.94 11.89
C PRO A 45 14.46 -14.21 10.47
N LEU A 46 14.42 -15.49 10.08
CA LEU A 46 14.08 -15.84 8.71
C LEU A 46 12.57 -16.05 8.51
N GLY A 47 12.12 -15.80 7.29
CA GLY A 47 10.70 -15.85 6.88
C GLY A 47 9.69 -16.24 7.95
N ASP A 54 4.76 -10.18 12.35
CA ASP A 54 5.23 -10.49 13.70
C ASP A 54 6.76 -10.63 13.80
N ALA A 55 7.39 -11.10 12.72
CA ALA A 55 8.86 -11.22 12.63
C ALA A 55 9.44 -10.16 11.69
N ARG A 56 8.56 -9.34 11.11
CA ARG A 56 8.94 -8.11 10.44
C ARG A 56 9.62 -7.17 11.45
N GLN A 57 9.02 -7.05 12.63
CA GLN A 57 9.45 -6.13 13.68
C GLN A 57 10.88 -6.42 14.17
N GLN A 58 11.24 -7.69 14.19
CA GLN A 58 12.57 -8.15 14.62
C GLN A 58 13.63 -7.82 13.58
N ARG A 59 13.25 -7.88 12.31
CA ARG A 59 14.13 -7.51 11.20
C ARG A 59 14.36 -6.00 11.18
N PHE A 60 13.30 -5.24 11.47
CA PHE A 60 13.38 -3.80 11.51
C PHE A 60 14.25 -3.32 12.68
N ALA A 61 14.17 -4.01 13.82
CA ALA A 61 14.99 -3.68 14.98
C ALA A 61 16.47 -4.01 14.74
N HIS A 62 16.73 -5.11 14.04
CA HIS A 62 18.07 -5.52 13.63
C HIS A 62 18.72 -4.42 12.78
N PHE A 63 17.99 -3.95 11.76
CA PHE A 63 18.45 -2.85 10.92
C PHE A 63 18.62 -1.54 11.69
N THR A 64 17.65 -1.27 12.56
CA THR A 64 17.71 -0.17 13.52
C THR A 64 18.97 -0.19 14.39
N GLU A 65 19.37 -1.39 14.81
CA GLU A 65 20.59 -1.59 15.60
C GLU A 65 21.87 -1.31 14.80
N LEU A 66 21.86 -1.66 13.50
CA LEU A 66 22.99 -1.41 12.61
C LEU A 66 23.20 0.09 12.43
N ALA A 67 22.10 0.84 12.40
CA ALA A 67 22.16 2.29 12.22
C ALA A 67 22.64 2.98 13.49
N ILE A 68 22.14 2.53 14.64
CA ILE A 68 22.60 3.04 15.95
C ILE A 68 24.11 2.88 16.07
N ILE A 69 24.60 1.67 15.80
CA ILE A 69 26.04 1.41 15.74
C ILE A 69 26.76 2.40 14.82
N SER A 70 26.22 2.62 13.62
CA SER A 70 26.82 3.54 12.66
C SER A 70 26.84 4.99 13.17
N VAL A 71 25.73 5.46 13.73
CA VAL A 71 25.66 6.77 14.39
C VAL A 71 26.82 7.04 15.38
N GLN A 72 27.04 6.14 16.35
CA GLN A 72 28.11 6.36 17.34
C GLN A 72 29.53 6.19 16.75
N GLU A 73 29.68 5.33 15.75
CA GLU A 73 30.90 5.24 14.95
C GLU A 73 31.21 6.54 14.21
N ILE A 74 30.19 7.19 13.65
CA ILE A 74 30.34 8.49 12.98
C ILE A 74 30.75 9.58 14.00
N VAL A 75 30.11 9.57 15.17
CA VAL A 75 30.46 10.47 16.26
C VAL A 75 31.95 10.29 16.63
N ASP A 76 32.37 9.05 16.83
CA ASP A 76 33.77 8.73 17.16
C ASP A 76 34.80 9.07 16.06
N PHE A 77 34.43 8.86 14.81
CA PHE A 77 35.28 9.21 13.67
C PHE A 77 35.50 10.72 13.60
N ALA A 78 34.41 11.46 13.73
CA ALA A 78 34.41 12.93 13.67
C ALA A 78 35.35 13.56 14.69
N LYS A 79 35.36 13.03 15.91
CA LYS A 79 36.25 13.50 16.96
C LYS A 79 37.72 13.29 16.61
N GLN A 80 38.01 12.28 15.78
CA GLN A 80 39.36 12.06 15.30
C GLN A 80 39.74 12.93 14.11
N VAL A 81 38.77 13.58 13.47
CA VAL A 81 39.07 14.43 12.29
C VAL A 81 39.65 15.79 12.71
N PRO A 82 40.95 16.03 12.40
CA PRO A 82 41.60 17.28 12.82
C PRO A 82 40.79 18.53 12.49
N GLY A 83 40.67 19.42 13.47
CA GLY A 83 39.89 20.62 13.32
C GLY A 83 38.45 20.53 13.81
N PHE A 84 37.85 19.33 13.78
CA PHE A 84 36.43 19.15 14.12
C PHE A 84 36.15 19.50 15.59
N LEU A 85 37.09 19.19 16.47
CA LEU A 85 36.89 19.52 17.88
C LEU A 85 37.15 21.00 18.21
N GLN A 86 37.74 21.72 17.26
CA GLN A 86 37.90 23.17 17.40
C GLN A 86 36.60 23.94 17.05
N LEU A 87 35.61 23.28 16.44
CA LEU A 87 34.31 23.90 16.23
C LEU A 87 33.50 23.92 17.53
N GLY A 88 32.62 24.91 17.67
CA GLY A 88 31.67 24.93 18.78
C GLY A 88 30.84 23.67 18.80
N ARG A 89 30.42 23.25 19.98
CA ARG A 89 29.70 21.99 20.11
C ARG A 89 28.37 21.94 19.36
N GLU A 90 27.67 23.07 19.33
CA GLU A 90 26.40 23.19 18.61
C GLU A 90 26.58 22.95 17.10
N ASP A 91 27.65 23.47 16.51
CA ASP A 91 27.96 23.20 15.11
C ASP A 91 28.40 21.77 14.85
N GLN A 92 29.14 21.18 15.81
CA GLN A 92 29.53 19.76 15.74
C GLN A 92 28.28 18.90 15.66
N ILE A 93 27.36 19.15 16.58
CA ILE A 93 26.06 18.48 16.61
C ILE A 93 25.33 18.67 15.29
N ALA A 94 25.20 19.94 14.86
CA ALA A 94 24.48 20.28 13.63
C ALA A 94 25.09 19.65 12.37
N LEU A 95 26.40 19.66 12.26
CA LEU A 95 27.10 19.02 11.13
C LEU A 95 26.84 17.52 11.04
N LEU A 96 26.82 16.86 12.20
CA LEU A 96 26.65 15.43 12.33
C LEU A 96 25.20 14.99 12.13
N LYS A 97 24.26 15.79 12.60
CA LYS A 97 22.85 15.54 12.40
C LYS A 97 22.50 15.44 10.91
N ALA A 98 22.99 16.41 10.13
CA ALA A 98 22.79 16.43 8.67
C ALA A 98 23.56 15.33 7.94
N SER A 99 24.84 15.19 8.21
CA SER A 99 25.68 14.35 7.36
C SER A 99 25.68 12.85 7.72
N THR A 100 25.15 12.48 8.87
CA THR A 100 25.06 11.08 9.29
C THR A 100 24.39 10.16 8.23
N ILE A 101 23.18 10.49 7.81
CA ILE A 101 22.54 9.73 6.72
C ILE A 101 23.50 9.55 5.53
N GLU A 102 24.21 10.62 5.16
CA GLU A 102 25.08 10.64 3.99
C GLU A 102 26.34 9.79 4.18
N ILE A 103 26.89 9.83 5.40
CA ILE A 103 28.03 9.00 5.72
C ILE A 103 27.65 7.52 5.80
N MET A 104 26.47 7.23 6.34
CA MET A 104 25.93 5.87 6.33
C MET A 104 25.87 5.23 4.95
N LEU A 105 25.42 6.02 3.95
CA LEU A 105 25.23 5.51 2.60
C LEU A 105 26.54 5.35 1.85
N LEU A 106 27.43 6.33 2.06
CA LEU A 106 28.84 6.27 1.67
C LEU A 106 29.50 4.99 2.20
N GLU A 107 29.19 4.63 3.44
CA GLU A 107 29.69 3.40 4.05
C GLU A 107 29.01 2.13 3.51
N THR A 108 27.70 2.20 3.32
CA THR A 108 26.92 1.14 2.68
C THR A 108 27.49 0.81 1.31
N ALA A 109 27.68 1.84 0.49
CA ALA A 109 28.27 1.71 -0.85
C ALA A 109 29.65 1.04 -0.83
N ARG A 110 30.43 1.36 0.20
CA ARG A 110 31.76 0.82 0.42
C ARG A 110 31.74 -0.69 0.66
N ARG A 111 30.65 -1.17 1.25
CA ARG A 111 30.51 -2.57 1.63
C ARG A 111 29.61 -3.33 0.67
N TYR A 112 29.28 -2.69 -0.44
CA TYR A 112 28.49 -3.29 -1.51
C TYR A 112 29.33 -4.30 -2.27
N ASN A 113 28.76 -5.48 -2.51
CA ASN A 113 29.40 -6.54 -3.30
C ASN A 113 28.73 -6.65 -4.68
N HIS A 114 29.51 -6.34 -5.70
CA HIS A 114 29.08 -6.26 -7.09
C HIS A 114 28.70 -7.63 -7.67
N GLU A 115 29.46 -8.65 -7.29
CA GLU A 115 29.18 -10.05 -7.63
C GLU A 115 27.79 -10.48 -7.15
N THR A 116 27.55 -10.32 -5.85
CA THR A 116 26.35 -10.86 -5.20
C THR A 116 25.17 -9.90 -5.17
N GLU A 117 25.41 -8.63 -5.49
CA GLU A 117 24.40 -7.56 -5.42
C GLU A 117 23.93 -7.34 -3.97
N CYS A 118 24.81 -7.65 -3.01
CA CYS A 118 24.52 -7.57 -1.57
C CYS A 118 25.50 -6.65 -0.84
N ILE A 119 25.07 -6.13 0.31
CA ILE A 119 25.90 -5.29 1.19
C ILE A 119 26.31 -6.06 2.45
N THR A 120 27.57 -5.89 2.86
CA THR A 120 28.08 -6.54 4.06
C THR A 120 28.19 -5.58 5.24
N PHE A 121 27.25 -5.68 6.17
CA PHE A 121 27.34 -4.93 7.42
C PHE A 121 28.12 -5.70 8.50
N LEU A 122 28.72 -4.94 9.43
CA LEU A 122 29.59 -5.48 10.48
C LEU A 122 30.70 -6.37 9.87
N LYS A 123 30.85 -7.61 10.36
CA LYS A 123 31.90 -8.52 9.89
C LYS A 123 31.54 -9.33 8.63
N ASP A 124 30.41 -10.02 8.66
CA ASP A 124 30.05 -10.92 7.54
C ASP A 124 28.54 -11.07 7.34
N PHE A 125 27.77 -10.13 7.88
CA PHE A 125 26.33 -10.13 7.71
C PHE A 125 25.99 -9.51 6.35
N THR A 126 25.44 -10.32 5.44
CA THR A 126 25.14 -9.83 4.08
C THR A 126 23.64 -9.61 3.80
N TYR A 127 23.34 -8.54 3.08
CA TYR A 127 21.96 -8.15 2.83
C TYR A 127 21.75 -7.72 1.39
N SER A 128 20.74 -8.30 0.76
CA SER A 128 20.40 -7.99 -0.62
C SER A 128 19.27 -6.96 -0.63
N LYS A 129 18.83 -6.59 -1.83
CA LYS A 129 17.71 -5.67 -2.03
C LYS A 129 16.44 -6.16 -1.38
N ASP A 130 16.19 -7.47 -1.45
CA ASP A 130 15.02 -8.08 -0.83
C ASP A 130 15.12 -8.05 0.69
N ASP A 131 16.32 -8.28 1.21
CA ASP A 131 16.59 -8.17 2.65
C ASP A 131 16.29 -6.78 3.20
N PHE A 132 16.65 -5.74 2.43
CA PHE A 132 16.33 -4.36 2.82
C PHE A 132 14.81 -4.14 2.90
N HIS A 133 14.08 -4.75 1.97
CA HIS A 133 12.63 -4.67 1.96
C HIS A 133 11.99 -5.48 3.09
N ARG A 134 12.60 -6.61 3.42
CA ARG A 134 12.15 -7.46 4.52
C ARG A 134 12.37 -6.84 5.91
N ALA A 135 13.42 -6.02 6.02
CA ALA A 135 13.70 -5.22 7.22
C ALA A 135 12.76 -4.02 7.39
N GLY A 136 11.86 -3.80 6.43
CA GLY A 136 10.79 -2.81 6.56
C GLY A 136 10.96 -1.49 5.82
N LEU A 137 11.94 -1.43 4.91
CA LEU A 137 12.22 -0.21 4.15
C LEU A 137 11.50 -0.19 2.79
N GLN A 138 11.26 1.02 2.26
CA GLN A 138 10.54 1.25 0.99
C GLN A 138 11.43 1.10 -0.22
N VAL A 139 10.84 0.59 -1.30
CA VAL A 139 11.46 0.48 -2.62
C VAL A 139 11.92 1.84 -3.15
N GLU A 140 11.17 2.91 -2.84
CA GLU A 140 11.54 4.28 -3.18
C GLU A 140 12.92 4.66 -2.64
N PHE A 141 13.29 4.07 -1.50
CA PHE A 141 14.53 4.36 -0.80
C PHE A 141 15.63 3.33 -1.14
N ILE A 142 15.27 2.06 -1.14
CA ILE A 142 16.21 0.95 -1.38
C ILE A 142 16.82 0.98 -2.79
N ASN A 143 15.98 1.21 -3.81
CA ASN A 143 16.45 1.30 -5.19
C ASN A 143 17.62 2.27 -5.36
N PRO A 144 17.44 3.55 -4.98
CA PRO A 144 18.52 4.54 -5.04
C PRO A 144 19.79 4.19 -4.24
N ILE A 145 19.66 3.58 -3.06
CA ILE A 145 20.80 3.11 -2.27
C ILE A 145 21.69 2.17 -3.09
N PHE A 146 21.09 1.17 -3.71
CA PHE A 146 21.83 0.23 -4.53
C PHE A 146 22.33 0.81 -5.86
N GLU A 147 21.64 1.84 -6.36
CA GLU A 147 22.12 2.53 -7.56
C GLU A 147 23.34 3.42 -7.26
N PHE A 148 23.30 4.09 -6.11
CA PHE A 148 24.44 4.88 -5.65
C PHE A 148 25.64 3.98 -5.33
N SER A 149 25.38 2.84 -4.69
CA SER A 149 26.43 1.87 -4.36
C SER A 149 27.16 1.42 -5.62
N ARG A 150 26.41 1.07 -6.66
CA ARG A 150 27.03 0.60 -7.88
C ARG A 150 27.67 1.74 -8.66
N ALA A 151 27.14 2.95 -8.50
CA ALA A 151 27.80 4.15 -9.02
C ALA A 151 29.16 4.35 -8.36
N MET A 152 29.19 4.22 -7.04
CA MET A 152 30.41 4.32 -6.23
C MET A 152 31.48 3.31 -6.59
N ARG A 153 31.06 2.09 -6.91
CA ARG A 153 31.98 1.02 -7.31
C ARG A 153 32.70 1.32 -8.63
N ARG A 154 32.06 2.11 -9.49
CA ARG A 154 32.65 2.47 -10.79
C ARG A 154 33.85 3.40 -10.66
N LEU A 155 33.84 4.27 -9.65
CA LEU A 155 34.95 5.17 -9.41
C LEU A 155 36.15 4.47 -8.76
N GLY A 156 35.94 3.26 -8.22
CA GLY A 156 37.01 2.43 -7.65
C GLY A 156 37.78 3.08 -6.52
N LEU A 157 37.07 3.58 -5.51
CA LEU A 157 37.71 4.30 -4.40
C LEU A 157 38.42 3.35 -3.44
N ASP A 158 39.56 3.79 -2.93
CA ASP A 158 40.25 3.02 -1.89
C ASP A 158 39.88 3.56 -0.51
N ASP A 159 40.64 3.18 0.50
CA ASP A 159 40.38 3.55 1.90
C ASP A 159 40.64 5.01 2.17
N ALA A 160 41.72 5.55 1.61
CA ALA A 160 42.11 6.94 1.82
C ALA A 160 41.08 7.88 1.19
N GLU A 161 40.70 7.58 -0.05
CA GLU A 161 39.69 8.33 -0.78
C GLU A 161 38.34 8.34 -0.09
N TYR A 162 37.90 7.17 0.41
CA TYR A 162 36.68 7.09 1.23
C TYR A 162 36.78 7.91 2.50
N ALA A 163 37.89 7.80 3.21
CA ALA A 163 38.10 8.52 4.48
C ALA A 163 38.12 10.03 4.26
N LEU A 164 38.76 10.46 3.18
CA LEU A 164 38.80 11.87 2.79
C LEU A 164 37.44 12.43 2.38
N LEU A 165 36.64 11.64 1.66
CA LEU A 165 35.33 12.11 1.17
C LEU A 165 34.34 12.32 2.30
N ILE A 166 34.46 11.49 3.33
CA ILE A 166 33.63 11.57 4.52
C ILE A 166 33.98 12.83 5.32
N ALA A 167 35.26 13.14 5.44
CA ALA A 167 35.71 14.34 6.16
C ALA A 167 35.24 15.59 5.43
N ILE A 168 35.29 15.54 4.10
CA ILE A 168 34.78 16.59 3.24
C ILE A 168 33.27 16.70 3.45
N ASN A 169 32.60 15.56 3.49
CA ASN A 169 31.16 15.56 3.73
C ASN A 169 30.80 16.20 5.08
N ILE A 170 31.52 15.83 6.13
CA ILE A 170 31.34 16.42 7.47
C ILE A 170 31.43 17.95 7.48
N PHE A 171 32.42 18.51 6.79
CA PHE A 171 32.60 19.94 6.78
C PHE A 171 31.90 20.65 5.62
N SER A 172 30.60 20.42 5.48
CA SER A 172 29.78 21.16 4.52
C SER A 172 29.19 22.39 5.20
N ALA A 173 29.40 23.57 4.62
CA ALA A 173 29.04 24.84 5.28
C ALA A 173 27.55 25.18 5.21
N ASP A 174 26.82 24.52 4.32
CA ASP A 174 25.42 24.87 4.07
C ASP A 174 24.38 24.09 4.88
N ARG A 175 24.82 23.29 5.85
CA ARG A 175 23.93 22.53 6.73
C ARG A 175 23.04 23.45 7.59
N PRO A 176 21.82 23.00 7.93
CA PRO A 176 20.98 23.90 8.72
C PRO A 176 21.58 24.18 10.11
N ASN A 177 21.38 25.40 10.61
CA ASN A 177 21.68 25.76 12.01
C ASN A 177 23.17 25.81 12.38
N VAL A 178 24.03 26.00 11.38
CA VAL A 178 25.44 26.23 11.61
C VAL A 178 25.65 27.72 11.95
N GLN A 179 26.29 27.98 13.09
CA GLN A 179 26.60 29.35 13.55
C GLN A 179 27.87 29.90 12.90
N GLU A 180 28.86 29.03 12.65
CA GLU A 180 30.09 29.46 11.98
C GLU A 180 30.36 28.71 10.67
N PRO A 181 29.51 28.93 9.64
CA PRO A 181 29.70 28.24 8.37
C PRO A 181 31.01 28.59 7.68
N GLY A 182 31.44 29.84 7.83
CA GLY A 182 32.74 30.33 7.33
C GLY A 182 33.92 29.55 7.88
N ARG A 183 33.88 29.21 9.17
CA ARG A 183 34.89 28.34 9.80
C ARG A 183 34.81 26.88 9.31
N VAL A 184 33.59 26.39 9.12
CA VAL A 184 33.34 25.07 8.53
C VAL A 184 33.90 24.99 7.11
N GLU A 185 33.67 26.03 6.30
CA GLU A 185 34.14 26.00 4.92
C GLU A 185 35.66 26.02 4.87
N ALA A 186 36.28 26.72 5.82
CA ALA A 186 37.73 26.80 5.90
C ALA A 186 38.39 25.50 6.41
N LEU A 187 37.69 24.73 7.24
CA LEU A 187 38.22 23.40 7.65
C LEU A 187 38.03 22.33 6.57
N GLN A 188 37.02 22.47 5.73
CA GLN A 188 36.82 21.57 4.58
C GLN A 188 37.95 21.67 3.53
N GLN A 189 38.53 22.87 3.41
CA GLN A 189 39.52 23.22 2.38
C GLN A 189 40.73 22.25 2.28
N PRO A 190 41.46 22.02 3.39
CA PRO A 190 42.61 21.11 3.30
C PRO A 190 42.24 19.68 2.91
N TYR A 191 41.03 19.25 3.23
CA TYR A 191 40.56 17.92 2.88
C TYR A 191 40.29 17.79 1.38
N VAL A 192 39.67 18.83 0.80
CA VAL A 192 39.44 18.92 -0.64
C VAL A 192 40.79 18.94 -1.37
N GLU A 193 41.66 19.87 -0.97
CA GLU A 193 43.08 19.92 -1.36
C GLU A 193 43.74 18.55 -1.41
N ALA A 194 43.70 17.84 -0.29
CA ALA A 194 44.38 16.53 -0.14
C ALA A 194 43.82 15.44 -1.05
N LEU A 195 42.52 15.44 -1.29
CA LEU A 195 41.88 14.50 -2.21
C LEU A 195 42.29 14.80 -3.65
N LEU A 196 42.30 16.08 -4.01
CA LEU A 196 42.77 16.51 -5.32
C LEU A 196 44.20 16.01 -5.58
N SER A 197 45.10 16.23 -4.63
CA SER A 197 46.47 15.72 -4.73
C SER A 197 46.55 14.18 -4.75
N TYR A 198 45.82 13.53 -3.86
CA TYR A 198 45.80 12.07 -3.83
C TYR A 198 45.28 11.45 -5.13
N THR A 199 44.26 12.04 -5.74
CA THR A 199 43.66 11.52 -6.98
C THR A 199 44.49 11.84 -8.20
N ARG A 200 45.30 12.90 -8.12
CA ARG A 200 46.22 13.25 -9.18
C ARG A 200 47.50 12.40 -9.14
N ILE A 201 47.83 11.87 -7.96
CA ILE A 201 48.96 10.97 -7.79
C ILE A 201 48.55 9.53 -8.09
N LYS A 202 47.34 9.15 -7.68
CA LYS A 202 46.80 7.81 -7.95
C LYS A 202 46.58 7.56 -9.44
N ARG A 203 45.75 8.40 -10.07
CA ARG A 203 45.52 8.34 -11.52
C ARG A 203 45.88 9.68 -12.15
N PRO A 204 47.13 9.84 -12.60
CA PRO A 204 47.57 11.09 -13.22
C PRO A 204 46.94 11.33 -14.61
N GLN A 205 46.40 10.26 -15.20
CA GLN A 205 45.86 10.31 -16.56
C GLN A 205 44.33 10.31 -16.57
N ASP A 206 43.73 10.12 -15.40
CA ASP A 206 42.27 10.14 -15.27
C ASP A 206 41.83 11.39 -14.49
N GLN A 207 41.85 12.52 -15.19
CA GLN A 207 41.48 13.82 -14.62
C GLN A 207 40.08 13.88 -14.02
N LEU A 208 39.15 13.18 -14.66
CA LEU A 208 37.73 13.30 -14.35
C LEU A 208 37.23 12.41 -13.20
N ARG A 209 38.14 11.66 -12.61
CA ARG A 209 37.82 10.83 -11.45
C ARG A 209 37.46 11.71 -10.24
N PHE A 210 38.25 12.77 -10.02
CA PHE A 210 38.05 13.66 -8.88
C PHE A 210 36.76 14.51 -8.91
N PRO A 211 36.45 15.18 -10.04
CA PRO A 211 35.15 15.86 -10.15
C PRO A 211 33.98 14.89 -9.95
N ARG A 212 34.09 13.68 -10.49
CA ARG A 212 33.04 12.66 -10.33
C ARG A 212 32.81 12.26 -8.87
N MET A 213 33.86 12.25 -8.06
CA MET A 213 33.76 12.01 -6.61
C MET A 213 32.99 13.08 -5.87
N LEU A 214 33.17 14.33 -6.28
CA LEU A 214 32.44 15.45 -5.70
C LEU A 214 30.98 15.52 -6.14
N MET A 215 30.66 15.03 -7.35
CA MET A 215 29.25 14.92 -7.80
C MET A 215 28.51 13.89 -6.96
N LYS A 216 29.25 12.98 -6.34
CA LYS A 216 28.69 12.01 -5.40
C LYS A 216 28.09 12.65 -4.16
N LEU A 217 28.69 13.75 -3.71
CA LEU A 217 28.14 14.55 -2.63
C LEU A 217 26.83 15.19 -3.05
N VAL A 218 26.71 15.51 -4.35
CA VAL A 218 25.49 16.04 -4.93
C VAL A 218 24.39 14.98 -4.87
N SER A 219 24.71 13.76 -5.32
CA SER A 219 23.80 12.60 -5.23
C SER A 219 23.34 12.30 -3.80
N LEU A 220 24.25 12.41 -2.85
CA LEU A 220 23.97 12.23 -1.42
C LEU A 220 22.94 13.19 -0.80
N ARG A 221 22.82 14.39 -1.38
CA ARG A 221 21.81 15.36 -0.91
C ARG A 221 20.41 14.94 -1.29
N THR A 222 20.25 14.46 -2.51
CA THR A 222 18.98 13.86 -2.95
C THR A 222 18.65 12.66 -2.08
N LEU A 223 19.62 11.75 -1.95
CA LEU A 223 19.44 10.55 -1.13
C LEU A 223 18.97 10.87 0.28
N SER A 224 19.47 11.97 0.83
CA SER A 224 19.06 12.44 2.14
C SER A 224 17.56 12.81 2.20
N SER A 225 17.08 13.50 1.17
CA SER A 225 15.68 13.89 1.09
C SER A 225 14.79 12.67 0.94
N VAL A 226 15.26 11.71 0.14
CA VAL A 226 14.59 10.44 -0.07
C VAL A 226 14.45 9.69 1.27
N HIS A 227 15.48 9.75 2.10
CA HIS A 227 15.43 9.18 3.44
C HIS A 227 14.42 9.87 4.37
N SER A 228 14.32 11.20 4.29
CA SER A 228 13.31 11.96 5.05
C SER A 228 11.87 11.53 4.74
N GLU A 229 11.63 11.16 3.48
CA GLU A 229 10.37 10.56 3.03
C GLU A 229 10.17 9.15 3.62
N GLN A 230 11.23 8.34 3.62
CA GLN A 230 11.19 6.99 4.21
C GLN A 230 10.80 7.07 5.68
N VAL A 231 11.42 8.01 6.40
CA VAL A 231 11.09 8.28 7.80
C VAL A 231 9.65 8.81 7.92
N PHE A 232 9.22 9.61 6.95
CA PHE A 232 7.87 10.19 6.95
C PHE A 232 6.81 9.12 6.72
N ALA A 233 7.06 8.24 5.76
CA ALA A 233 6.21 7.09 5.50
C ALA A 233 5.97 6.24 6.75
N LEU A 234 7.02 6.04 7.56
CA LEU A 234 6.92 5.30 8.81
C LEU A 234 6.06 5.99 9.86
N ARG A 235 6.20 7.32 9.97
CA ARG A 235 5.39 8.13 10.87
C ARG A 235 3.90 8.00 10.53
N LEU A 236 3.63 7.73 9.26
CA LEU A 236 2.27 7.58 8.73
C LEU A 236 1.69 6.18 8.99
N GLN A 237 2.59 5.22 9.25
CA GLN A 237 2.21 3.85 9.57
C GLN A 237 2.37 3.57 11.08
N ASP A 238 2.64 4.63 11.83
CA ASP A 238 2.77 4.59 13.30
C ASP A 238 3.75 3.52 13.83
N LYS A 239 4.83 3.27 13.09
CA LYS A 239 5.91 2.37 13.50
C LYS A 239 7.16 3.22 13.79
N LYS A 240 7.67 3.10 15.02
CA LYS A 240 8.59 4.09 15.59
C LYS A 240 10.09 3.75 15.54
N LEU A 241 10.90 4.82 15.45
CA LEU A 241 12.34 4.72 15.61
C LEU A 241 12.72 4.70 17.08
N PRO A 242 13.82 4.01 17.44
CA PRO A 242 14.36 4.11 18.79
C PRO A 242 14.88 5.53 19.09
N PRO A 243 15.01 5.88 20.39
CA PRO A 243 15.37 7.26 20.79
C PRO A 243 16.51 7.88 19.97
N LEU A 244 17.65 7.20 19.88
CA LEU A 244 18.84 7.75 19.22
C LEU A 244 18.61 8.18 17.78
N LEU A 245 17.85 7.40 17.02
CA LEU A 245 17.58 7.71 15.61
C LEU A 245 16.46 8.73 15.46
N SER A 246 15.48 8.64 16.37
CA SER A 246 14.41 9.62 16.48
C SER A 246 14.98 11.02 16.72
N GLU A 247 15.91 11.15 17.67
CA GLU A 247 16.59 12.42 17.95
C GLU A 247 17.19 13.06 16.70
N ILE A 248 17.94 12.28 15.91
CA ILE A 248 18.62 12.77 14.70
C ILE A 248 17.70 12.93 13.49
N TRP A 249 16.70 12.06 13.33
CA TRP A 249 15.95 11.99 12.05
C TRP A 249 14.52 12.53 12.01
N ASP A 250 13.84 12.69 13.14
CA ASP A 250 12.58 13.45 13.12
C ASP A 250 12.41 14.38 14.33
N GLN B 11 46.49 25.56 -23.02
CA GLN B 11 45.51 26.38 -23.80
C GLN B 11 44.23 25.61 -24.11
N LEU B 12 43.15 26.35 -24.29
CA LEU B 12 41.90 25.74 -24.71
C LEU B 12 42.06 25.42 -26.19
N THR B 13 41.48 24.31 -26.63
CA THR B 13 41.47 23.94 -28.05
C THR B 13 40.44 24.79 -28.80
N ALA B 14 40.47 24.74 -30.12
CA ALA B 14 39.47 25.42 -30.94
C ALA B 14 38.04 24.93 -30.65
N ALA B 15 37.90 23.62 -30.44
CA ALA B 15 36.61 22.98 -30.12
C ALA B 15 36.02 23.39 -28.77
N GLN B 16 36.87 23.45 -27.75
CA GLN B 16 36.48 23.91 -26.43
C GLN B 16 36.05 25.38 -26.45
N GLU B 17 36.85 26.24 -27.06
CA GLU B 17 36.47 27.65 -27.21
C GLU B 17 35.14 27.85 -27.94
N LEU B 18 34.92 27.07 -29.00
CA LEU B 18 33.65 27.08 -29.72
C LEU B 18 32.46 26.76 -28.81
N MET B 19 32.64 25.70 -28.00
CA MET B 19 31.69 25.25 -26.99
C MET B 19 31.39 26.34 -25.95
N ILE B 20 32.43 26.99 -25.45
CA ILE B 20 32.28 27.99 -24.39
C ILE B 20 31.61 29.25 -24.94
N GLN B 21 32.12 29.75 -26.07
CA GLN B 21 31.57 30.94 -26.72
C GLN B 21 30.08 30.76 -27.08
N GLN B 22 29.70 29.52 -27.38
CA GLN B 22 28.32 29.15 -27.70
C GLN B 22 27.40 29.29 -26.49
N LEU B 23 27.88 28.84 -25.33
CA LEU B 23 27.13 28.91 -24.09
C LEU B 23 26.99 30.36 -23.63
N VAL B 24 28.12 31.07 -23.58
CA VAL B 24 28.16 32.48 -23.26
C VAL B 24 27.25 33.32 -24.16
N ALA B 25 27.38 33.14 -25.48
CA ALA B 25 26.58 33.89 -26.45
C ALA B 25 25.09 33.56 -26.38
N ALA B 26 24.75 32.28 -26.18
CA ALA B 26 23.35 31.86 -26.06
C ALA B 26 22.74 32.39 -24.78
N GLN B 27 23.55 32.46 -23.73
CA GLN B 27 23.10 33.01 -22.47
C GLN B 27 22.67 34.46 -22.67
N LEU B 28 23.51 35.24 -23.33
CA LEU B 28 23.27 36.65 -23.61
C LEU B 28 22.06 36.92 -24.52
N GLN B 29 21.81 36.05 -25.51
CA GLN B 29 20.65 36.25 -26.39
C GLN B 29 19.34 35.95 -25.66
N CYS B 30 19.37 34.96 -24.77
CA CYS B 30 18.22 34.62 -23.93
C CYS B 30 17.91 35.75 -22.95
N ASN B 31 18.93 36.53 -22.61
CA ASN B 31 18.77 37.71 -21.76
C ASN B 31 18.04 38.84 -22.47
N LYS B 32 18.34 39.04 -23.76
CA LYS B 32 17.69 40.06 -24.57
C LYS B 32 16.19 39.79 -24.72
N ARG B 33 15.80 38.54 -24.47
CA ARG B 33 14.41 38.11 -24.45
C ARG B 33 13.77 38.26 -23.05
N SER B 34 14.32 39.18 -22.26
CA SER B 34 13.70 39.63 -21.02
C SER B 34 13.03 40.96 -21.28
N PHE B 35 13.66 41.77 -22.13
CA PHE B 35 13.15 43.08 -22.56
C PHE B 35 11.82 42.96 -23.32
N SER B 36 11.68 41.86 -24.07
CA SER B 36 10.47 41.56 -24.83
C SER B 36 9.24 41.33 -23.93
N ASP B 37 9.47 40.69 -22.78
CA ASP B 37 8.38 40.27 -21.87
C ASP B 37 8.00 41.29 -20.78
N GLN B 38 8.97 42.09 -20.35
CA GLN B 38 8.78 43.06 -19.25
C GLN B 38 7.52 43.95 -19.34
N PRO B 39 7.23 44.55 -20.53
CA PRO B 39 6.03 45.40 -20.61
C PRO B 39 4.70 44.63 -20.48
N LYS B 40 4.77 43.31 -20.64
CA LYS B 40 3.62 42.42 -20.48
C LYS B 40 3.80 41.54 -19.24
N VAL B 41 3.59 42.13 -18.06
CA VAL B 41 3.61 41.41 -16.78
C VAL B 41 2.59 42.08 -15.85
N THR B 42 1.88 41.28 -15.06
CA THR B 42 0.95 41.79 -14.04
C THR B 42 1.60 42.90 -13.20
N PRO B 43 0.95 44.09 -13.17
CA PRO B 43 1.40 45.17 -12.29
C PRO B 43 1.52 44.76 -10.82
N TRP B 44 2.55 45.28 -10.17
CA TRP B 44 2.80 45.04 -8.75
C TRP B 44 1.97 46.00 -7.90
N PRO B 45 1.05 45.46 -7.08
CA PRO B 45 0.28 46.28 -6.15
C PRO B 45 0.91 46.37 -4.76
N ASP B 54 -6.57 40.72 -2.42
CA ASP B 54 -6.66 40.62 -3.87
C ASP B 54 -5.36 41.09 -4.52
N ALA B 55 -4.73 42.06 -3.87
CA ALA B 55 -3.39 42.51 -4.25
C ALA B 55 -2.35 41.43 -3.97
N ARG B 56 -2.64 40.60 -2.97
CA ARG B 56 -1.76 39.50 -2.56
C ARG B 56 -1.67 38.44 -3.66
N GLN B 57 -2.81 38.10 -4.26
CA GLN B 57 -2.85 37.22 -5.43
C GLN B 57 -2.18 37.80 -6.69
N GLN B 58 -2.28 39.11 -6.86
CA GLN B 58 -1.62 39.79 -7.97
C GLN B 58 -0.10 39.77 -7.85
N ARG B 59 0.40 39.76 -6.61
CA ARG B 59 1.84 39.70 -6.36
C ARG B 59 2.38 38.30 -6.61
N PHE B 60 1.60 37.31 -6.19
CA PHE B 60 1.90 35.91 -6.52
C PHE B 60 1.93 35.71 -8.03
N ALA B 61 0.90 36.19 -8.72
CA ALA B 61 0.82 36.07 -10.17
C ALA B 61 2.05 36.69 -10.82
N HIS B 62 2.34 37.93 -10.44
CA HIS B 62 3.56 38.65 -10.82
C HIS B 62 4.80 37.76 -10.74
N PHE B 63 5.02 37.16 -9.57
CA PHE B 63 6.17 36.29 -9.34
C PHE B 63 6.15 35.00 -10.18
N THR B 64 4.97 34.41 -10.36
CA THR B 64 4.86 33.20 -11.17
C THR B 64 5.14 33.47 -12.65
N GLU B 65 4.80 34.69 -13.10
CA GLU B 65 5.06 35.13 -14.46
C GLU B 65 6.54 35.35 -14.71
N LEU B 66 7.24 35.88 -13.72
CA LEU B 66 8.70 35.98 -13.74
C LEU B 66 9.32 34.61 -13.89
N ALA B 67 8.88 33.67 -13.04
CA ALA B 67 9.30 32.29 -13.11
C ALA B 67 9.08 31.73 -14.52
N ILE B 68 7.91 31.96 -15.10
CA ILE B 68 7.60 31.45 -16.46
C ILE B 68 8.47 32.08 -17.55
N ILE B 69 8.73 33.39 -17.45
CA ILE B 69 9.73 34.00 -18.33
C ILE B 69 11.06 33.25 -18.17
N SER B 70 11.46 32.96 -16.93
CA SER B 70 12.71 32.22 -16.69
C SER B 70 12.72 30.80 -17.28
N VAL B 71 11.62 30.07 -17.09
CA VAL B 71 11.44 28.75 -17.72
C VAL B 71 11.67 28.80 -19.23
N GLN B 72 11.01 29.75 -19.91
CA GLN B 72 11.16 29.91 -21.36
C GLN B 72 12.61 30.15 -21.74
N GLU B 73 13.27 31.04 -21.00
CA GLU B 73 14.70 31.29 -21.18
C GLU B 73 15.56 30.03 -21.06
N ILE B 74 15.32 29.25 -20.00
CA ILE B 74 16.05 28.00 -19.70
C ILE B 74 15.89 26.97 -20.81
N VAL B 75 14.63 26.70 -21.19
CA VAL B 75 14.29 25.82 -22.31
C VAL B 75 15.02 26.23 -23.59
N ASP B 76 14.91 27.50 -23.95
CA ASP B 76 15.55 28.00 -25.16
C ASP B 76 17.08 27.93 -25.05
N PHE B 77 17.63 28.13 -23.86
CA PHE B 77 19.06 27.95 -23.66
C PHE B 77 19.49 26.47 -23.86
N ALA B 78 18.81 25.55 -23.20
CA ALA B 78 19.11 24.12 -23.31
C ALA B 78 19.18 23.63 -24.76
N LYS B 79 18.23 24.03 -25.59
CA LYS B 79 18.24 23.71 -27.02
C LYS B 79 19.53 24.12 -27.76
N GLN B 80 20.21 25.14 -27.22
CA GLN B 80 21.43 25.71 -27.82
C GLN B 80 22.69 25.03 -27.32
N VAL B 81 22.59 24.39 -26.16
CA VAL B 81 23.70 23.66 -25.55
C VAL B 81 24.01 22.45 -26.43
N PRO B 82 25.21 22.40 -27.03
CA PRO B 82 25.56 21.22 -27.84
C PRO B 82 25.50 19.92 -27.03
N GLY B 83 24.78 18.93 -27.58
CA GLY B 83 24.58 17.67 -26.90
C GLY B 83 23.13 17.43 -26.49
N PHE B 84 22.42 18.50 -26.19
CA PHE B 84 21.05 18.39 -25.64
C PHE B 84 20.06 17.73 -26.58
N LEU B 85 20.17 18.03 -27.87
CA LEU B 85 19.20 17.53 -28.83
C LEU B 85 19.61 16.15 -29.37
N GLN B 86 20.79 15.68 -28.92
CA GLN B 86 21.24 14.30 -29.18
C GLN B 86 20.52 13.28 -28.30
N LEU B 87 19.99 13.74 -27.16
CA LEU B 87 19.18 12.91 -26.27
C LEU B 87 17.74 12.76 -26.75
N GLY B 88 17.11 11.65 -26.37
CA GLY B 88 15.68 11.46 -26.62
C GLY B 88 14.82 12.52 -25.94
N ARG B 89 13.59 12.70 -26.44
CA ARG B 89 12.66 13.72 -25.93
C ARG B 89 12.37 13.57 -24.45
N GLU B 90 12.18 12.33 -24.01
CA GLU B 90 11.84 12.06 -22.61
C GLU B 90 12.96 12.49 -21.67
N ASP B 91 14.20 12.19 -22.06
CA ASP B 91 15.39 12.62 -21.33
C ASP B 91 15.59 14.12 -21.38
N GLN B 92 15.19 14.76 -22.48
CA GLN B 92 15.24 16.23 -22.55
C GLN B 92 14.29 16.83 -21.51
N ILE B 93 13.11 16.23 -21.40
CA ILE B 93 12.09 16.68 -20.46
C ILE B 93 12.48 16.37 -19.02
N ALA B 94 13.04 15.18 -18.79
CA ALA B 94 13.43 14.74 -17.46
C ALA B 94 14.55 15.61 -16.87
N LEU B 95 15.53 15.92 -17.70
CA LEU B 95 16.65 16.79 -17.33
C LEU B 95 16.24 18.24 -17.10
N LEU B 96 15.32 18.76 -17.90
CA LEU B 96 14.89 20.15 -17.74
C LEU B 96 14.00 20.33 -16.53
N LYS B 97 13.21 19.31 -16.23
CA LYS B 97 12.27 19.33 -15.11
C LYS B 97 13.02 19.46 -13.78
N ALA B 98 14.10 18.68 -13.65
CA ALA B 98 14.92 18.73 -12.43
C ALA B 98 15.78 19.99 -12.38
N SER B 99 16.40 20.33 -13.50
CA SER B 99 17.40 21.39 -13.45
C SER B 99 16.80 22.79 -13.53
N THR B 100 15.52 22.89 -13.87
CA THR B 100 14.89 24.21 -14.00
C THR B 100 15.01 25.09 -12.74
N ILE B 101 14.63 24.55 -11.58
CA ILE B 101 14.73 25.30 -10.33
C ILE B 101 16.19 25.65 -9.97
N GLU B 102 17.10 24.70 -10.19
CA GLU B 102 18.51 24.89 -9.89
C GLU B 102 19.09 26.03 -10.71
N ILE B 103 18.74 26.08 -11.99
CA ILE B 103 19.16 27.17 -12.88
C ILE B 103 18.52 28.53 -12.51
N MET B 104 17.23 28.51 -12.21
CA MET B 104 16.53 29.71 -11.73
C MET B 104 17.23 30.36 -10.55
N LEU B 105 17.62 29.54 -9.59
CA LEU B 105 18.28 30.01 -8.38
C LEU B 105 19.67 30.53 -8.65
N LEU B 106 20.35 29.90 -9.60
CA LEU B 106 21.66 30.34 -10.08
C LEU B 106 21.54 31.71 -10.75
N GLU B 107 20.48 31.89 -11.54
CA GLU B 107 20.26 33.16 -12.24
C GLU B 107 19.79 34.22 -11.26
N THR B 108 19.02 33.80 -10.27
CA THR B 108 18.62 34.68 -9.16
C THR B 108 19.82 35.22 -8.40
N ALA B 109 20.80 34.35 -8.10
CA ALA B 109 22.05 34.71 -7.39
C ALA B 109 22.89 35.73 -8.14
N ARG B 110 22.85 35.64 -9.47
CA ARG B 110 23.59 36.49 -10.38
C ARG B 110 23.00 37.90 -10.47
N ARG B 111 21.74 38.03 -10.05
CA ARG B 111 20.98 39.28 -10.12
C ARG B 111 20.90 39.98 -8.76
N TYR B 112 21.62 39.44 -7.79
CA TYR B 112 21.60 39.91 -6.42
C TYR B 112 22.57 41.08 -6.23
N ASN B 113 22.12 42.12 -5.53
CA ASN B 113 23.01 43.25 -5.23
C ASN B 113 23.38 43.21 -3.75
N HIS B 114 24.67 43.03 -3.47
CA HIS B 114 25.12 42.88 -2.06
C HIS B 114 24.89 44.11 -1.19
N GLU B 115 24.93 45.29 -1.80
CA GLU B 115 24.85 46.54 -1.06
C GLU B 115 23.41 46.95 -0.77
N THR B 116 22.51 46.72 -1.72
CA THR B 116 21.08 46.94 -1.50
C THR B 116 20.41 45.71 -0.91
N GLU B 117 20.99 44.55 -1.21
CA GLU B 117 20.47 43.24 -0.78
C GLU B 117 19.16 42.91 -1.48
N CYS B 118 19.00 43.50 -2.66
CA CYS B 118 17.84 43.24 -3.49
C CYS B 118 18.23 42.36 -4.66
N ILE B 119 17.22 41.82 -5.32
CA ILE B 119 17.41 41.05 -6.55
C ILE B 119 16.71 41.78 -7.70
N THR B 120 17.40 41.88 -8.83
CA THR B 120 16.88 42.65 -9.95
C THR B 120 16.44 41.70 -11.06
N PHE B 121 15.14 41.71 -11.37
CA PHE B 121 14.56 40.83 -12.39
C PHE B 121 14.12 41.62 -13.62
N LEU B 122 14.29 41.03 -14.79
CA LEU B 122 13.94 41.68 -16.06
C LEU B 122 14.55 43.08 -16.18
N LYS B 123 15.87 43.16 -16.20
CA LYS B 123 16.60 44.42 -16.48
C LYS B 123 16.50 45.42 -15.31
N ASP B 124 15.27 45.82 -14.96
CA ASP B 124 14.99 46.64 -13.77
C ASP B 124 14.32 45.80 -12.68
N PHE B 125 13.20 46.27 -12.14
CA PHE B 125 12.38 45.53 -11.17
C PHE B 125 13.19 44.93 -10.02
N THR B 126 13.36 45.68 -8.94
CA THR B 126 14.18 45.24 -7.83
C THR B 126 13.31 44.69 -6.71
N TYR B 127 13.77 43.60 -6.10
CA TYR B 127 12.99 42.91 -5.06
C TYR B 127 13.84 42.62 -3.82
N SER B 128 13.29 42.95 -2.67
CA SER B 128 13.91 42.66 -1.38
C SER B 128 13.37 41.34 -0.85
N LYS B 129 13.96 40.89 0.25
CA LYS B 129 13.46 39.73 1.00
C LYS B 129 11.97 39.89 1.34
N ASP B 130 11.57 41.10 1.72
CA ASP B 130 10.19 41.39 2.08
C ASP B 130 9.25 41.38 0.87
N ASP B 131 9.74 41.80 -0.29
CA ASP B 131 8.98 41.69 -1.55
C ASP B 131 8.69 40.24 -1.90
N PHE B 132 9.68 39.37 -1.68
CA PHE B 132 9.52 37.91 -1.89
C PHE B 132 8.40 37.39 -1.00
N HIS B 133 8.42 37.81 0.26
CA HIS B 133 7.37 37.51 1.23
C HIS B 133 5.97 38.04 0.84
N ARG B 134 5.90 39.32 0.46
CA ARG B 134 4.65 39.91 -0.05
C ARG B 134 4.09 39.13 -1.26
N ALA B 135 4.98 38.51 -2.03
CA ALA B 135 4.60 37.73 -3.21
C ALA B 135 4.14 36.29 -2.89
N GLY B 136 4.04 35.96 -1.61
CA GLY B 136 3.47 34.69 -1.16
C GLY B 136 4.44 33.59 -0.80
N LEU B 137 5.74 33.88 -0.88
CA LEU B 137 6.78 32.89 -0.59
C LEU B 137 7.15 32.88 0.90
N GLN B 138 7.48 31.70 1.43
CA GLN B 138 7.73 31.49 2.86
C GLN B 138 9.20 31.71 3.22
N VAL B 139 9.43 32.16 4.45
CA VAL B 139 10.77 32.48 4.96
C VAL B 139 11.74 31.28 4.95
N GLU B 140 11.20 30.08 5.14
CA GLU B 140 11.98 28.84 5.04
C GLU B 140 12.59 28.63 3.66
N PHE B 141 11.98 29.23 2.64
CA PHE B 141 12.48 29.17 1.28
C PHE B 141 13.27 30.44 0.92
N ILE B 142 12.75 31.61 1.30
CA ILE B 142 13.39 32.89 1.02
C ILE B 142 14.83 32.99 1.53
N ASN B 143 15.03 32.66 2.80
CA ASN B 143 16.34 32.86 3.44
C ASN B 143 17.50 32.04 2.84
N PRO B 144 17.28 30.74 2.57
CA PRO B 144 18.23 29.97 1.76
C PRO B 144 18.56 30.54 0.37
N ILE B 145 17.58 31.16 -0.30
CA ILE B 145 17.81 31.81 -1.60
C ILE B 145 18.80 32.98 -1.46
N PHE B 146 18.56 33.82 -0.46
CA PHE B 146 19.44 34.96 -0.24
C PHE B 146 20.82 34.57 0.31
N GLU B 147 20.87 33.51 1.11
CA GLU B 147 22.16 33.01 1.57
C GLU B 147 22.96 32.38 0.43
N PHE B 148 22.27 31.60 -0.41
CA PHE B 148 22.90 31.06 -1.62
C PHE B 148 23.35 32.18 -2.55
N SER B 149 22.51 33.20 -2.69
CA SER B 149 22.85 34.40 -3.49
C SER B 149 24.15 35.04 -3.00
N ARG B 150 24.26 35.21 -1.68
CA ARG B 150 25.47 35.77 -1.05
C ARG B 150 26.70 34.89 -1.22
N ALA B 151 26.55 33.58 -1.04
CA ALA B 151 27.64 32.64 -1.25
C ALA B 151 28.15 32.61 -2.69
N MET B 152 27.23 32.78 -3.65
CA MET B 152 27.60 32.82 -5.08
C MET B 152 28.37 34.08 -5.49
N ARG B 153 27.99 35.23 -4.96
CA ARG B 153 28.72 36.47 -5.24
C ARG B 153 30.18 36.33 -4.81
N ARG B 154 30.40 35.73 -3.65
CA ARG B 154 31.74 35.51 -3.08
C ARG B 154 32.62 34.68 -4.00
N LEU B 155 32.03 33.71 -4.69
CA LEU B 155 32.75 32.91 -5.69
C LEU B 155 33.25 33.75 -6.86
N GLY B 156 32.46 34.76 -7.24
CA GLY B 156 32.84 35.73 -8.27
C GLY B 156 33.04 35.08 -9.62
N LEU B 157 32.08 34.27 -10.04
CA LEU B 157 32.16 33.55 -11.31
C LEU B 157 32.02 34.49 -12.50
N ASP B 158 32.88 34.31 -13.50
CA ASP B 158 32.70 35.02 -14.76
C ASP B 158 31.65 34.30 -15.63
N ASP B 159 31.36 34.89 -16.79
CA ASP B 159 30.30 34.43 -17.70
C ASP B 159 30.49 33.00 -18.22
N ALA B 160 31.72 32.68 -18.64
CA ALA B 160 32.07 31.33 -19.10
C ALA B 160 31.93 30.30 -17.97
N GLU B 161 32.32 30.69 -16.76
CA GLU B 161 32.10 29.86 -15.57
C GLU B 161 30.62 29.63 -15.28
N TYR B 162 29.83 30.70 -15.26
CA TYR B 162 28.40 30.59 -15.06
C TYR B 162 27.73 29.65 -16.06
N ALA B 163 27.99 29.92 -17.34
CA ALA B 163 27.42 29.15 -18.47
C ALA B 163 27.82 27.67 -18.46
N LEU B 164 29.10 27.39 -18.20
CA LEU B 164 29.59 26.01 -18.11
C LEU B 164 29.00 25.24 -16.93
N LEU B 165 28.85 25.91 -15.79
CA LEU B 165 28.24 25.30 -14.60
C LEU B 165 26.80 24.89 -14.88
N ILE B 166 26.10 25.70 -15.67
CA ILE B 166 24.72 25.42 -16.05
C ILE B 166 24.65 24.21 -16.96
N ALA B 167 25.54 24.13 -17.95
CA ALA B 167 25.60 22.98 -18.86
C ALA B 167 25.89 21.68 -18.11
N ILE B 168 26.86 21.72 -17.20
CA ILE B 168 27.18 20.59 -16.33
C ILE B 168 25.97 20.20 -15.47
N ASN B 169 25.32 21.20 -14.86
CA ASN B 169 24.08 21.01 -14.12
C ASN B 169 23.02 20.27 -14.96
N ILE B 170 22.76 20.76 -16.18
CA ILE B 170 21.77 20.16 -17.09
C ILE B 170 22.02 18.66 -17.34
N PHE B 171 23.27 18.30 -17.63
CA PHE B 171 23.60 16.92 -17.93
C PHE B 171 24.00 16.14 -16.69
N SER B 172 23.12 16.10 -15.68
CA SER B 172 23.32 15.26 -14.47
C SER B 172 22.55 13.96 -14.63
N ALA B 173 23.28 12.84 -14.64
CA ALA B 173 22.74 11.49 -14.89
C ALA B 173 21.80 10.93 -13.82
N ASP B 174 21.92 11.40 -12.58
CA ASP B 174 21.08 10.90 -11.48
C ASP B 174 19.74 11.64 -11.31
N ARG B 175 19.31 12.39 -12.33
CA ARG B 175 17.99 13.02 -12.27
C ARG B 175 16.94 11.91 -12.27
N PRO B 176 15.77 12.16 -11.65
CA PRO B 176 14.64 11.25 -11.74
C PRO B 176 14.24 10.96 -13.18
N ASN B 177 13.95 9.69 -13.46
CA ASN B 177 13.36 9.23 -14.72
C ASN B 177 14.23 9.36 -15.99
N VAL B 178 15.54 9.36 -15.80
CA VAL B 178 16.47 9.35 -16.92
C VAL B 178 16.59 7.91 -17.44
N GLN B 179 16.36 7.77 -18.75
CA GLN B 179 16.40 6.47 -19.41
C GLN B 179 17.78 6.10 -19.89
N GLU B 180 18.57 7.11 -20.27
CA GLU B 180 19.94 6.87 -20.76
C GLU B 180 21.00 7.63 -19.94
N PRO B 181 21.16 7.29 -18.64
CA PRO B 181 22.08 8.03 -17.77
C PRO B 181 23.56 7.90 -18.18
N GLY B 182 23.91 6.79 -18.85
CA GLY B 182 25.22 6.63 -19.46
C GLY B 182 25.51 7.64 -20.56
N ARG B 183 24.50 7.92 -21.39
CA ARG B 183 24.60 8.95 -22.43
C ARG B 183 24.70 10.34 -21.80
N VAL B 184 23.86 10.61 -20.80
CA VAL B 184 23.83 11.90 -20.11
C VAL B 184 25.19 12.21 -19.46
N GLU B 185 25.77 11.18 -18.84
CA GLU B 185 27.10 11.24 -18.22
C GLU B 185 28.21 11.49 -19.26
N ALA B 186 28.07 10.89 -20.45
CA ALA B 186 29.05 11.10 -21.51
C ALA B 186 28.97 12.52 -22.09
N LEU B 187 27.77 13.09 -22.17
CA LEU B 187 27.60 14.47 -22.62
C LEU B 187 28.11 15.53 -21.61
N GLN B 188 28.06 15.20 -20.32
CA GLN B 188 28.59 16.09 -19.29
C GLN B 188 30.12 16.20 -19.33
N GLN B 189 30.78 15.08 -19.64
CA GLN B 189 32.25 14.98 -19.67
C GLN B 189 32.96 16.17 -20.32
N PRO B 190 32.69 16.45 -21.62
CA PRO B 190 33.35 17.58 -22.28
C PRO B 190 33.16 18.94 -21.58
N TYR B 191 32.05 19.12 -20.88
CA TYR B 191 31.80 20.34 -20.14
C TYR B 191 32.57 20.40 -18.82
N VAL B 192 32.72 19.26 -18.15
CA VAL B 192 33.57 19.14 -16.95
C VAL B 192 35.01 19.49 -17.32
N GLU B 193 35.52 18.82 -18.37
CA GLU B 193 36.84 19.05 -18.96
C GLU B 193 37.13 20.50 -19.39
N ALA B 194 36.16 21.15 -20.03
CA ALA B 194 36.33 22.54 -20.46
C ALA B 194 36.43 23.48 -19.26
N LEU B 195 35.63 23.22 -18.23
CA LEU B 195 35.67 24.02 -17.01
C LEU B 195 36.98 23.83 -16.24
N LEU B 196 37.46 22.58 -16.19
CA LEU B 196 38.74 22.28 -15.57
C LEU B 196 39.87 23.03 -16.30
N SER B 197 39.90 22.91 -17.63
CA SER B 197 40.90 23.61 -18.43
C SER B 197 40.80 25.12 -18.28
N TYR B 198 39.56 25.64 -18.28
CA TYR B 198 39.31 27.08 -18.13
C TYR B 198 39.80 27.66 -16.80
N THR B 199 39.48 27.00 -15.70
CA THR B 199 39.85 27.50 -14.38
C THR B 199 41.35 27.37 -14.12
N ARG B 200 42.01 26.46 -14.83
CA ARG B 200 43.47 26.32 -14.76
C ARG B 200 44.19 27.47 -15.45
N ILE B 201 43.65 27.89 -16.60
CA ILE B 201 44.21 29.02 -17.35
C ILE B 201 43.80 30.35 -16.70
N LYS B 202 42.52 30.49 -16.35
CA LYS B 202 41.99 31.76 -15.82
C LYS B 202 42.61 32.11 -14.49
N ARG B 203 42.53 31.18 -13.54
CA ARG B 203 43.10 31.37 -12.22
C ARG B 203 44.07 30.24 -11.88
N PRO B 204 45.32 30.34 -12.36
CA PRO B 204 46.30 29.28 -12.12
C PRO B 204 46.67 29.15 -10.64
N GLN B 205 46.58 30.25 -9.90
CA GLN B 205 47.05 30.29 -8.52
C GLN B 205 45.96 30.04 -7.47
N ASP B 206 44.78 29.64 -7.96
CA ASP B 206 43.69 29.16 -7.10
C ASP B 206 43.28 27.75 -7.57
N GLN B 207 43.85 26.74 -6.94
CA GLN B 207 43.66 25.34 -7.33
C GLN B 207 42.28 24.79 -6.96
N LEU B 208 41.63 25.46 -6.00
CA LEU B 208 40.36 24.99 -5.46
C LEU B 208 39.12 25.67 -6.05
N ARG B 209 39.31 26.48 -7.10
CA ARG B 209 38.21 27.20 -7.71
C ARG B 209 37.18 26.23 -8.29
N PHE B 210 37.67 25.29 -9.06
CA PHE B 210 36.87 24.27 -9.71
C PHE B 210 36.05 23.39 -8.74
N PRO B 211 36.70 22.77 -7.72
CA PRO B 211 35.96 22.04 -6.68
C PRO B 211 34.89 22.89 -5.97
N ARG B 212 35.24 24.13 -5.61
CA ARG B 212 34.29 25.08 -5.02
C ARG B 212 33.05 25.33 -5.90
N MET B 213 33.24 25.35 -7.21
CA MET B 213 32.16 25.58 -8.16
C MET B 213 31.23 24.38 -8.17
N LEU B 214 31.81 23.18 -8.20
CA LEU B 214 31.05 21.93 -8.11
C LEU B 214 30.34 21.75 -6.78
N MET B 215 30.87 22.31 -5.70
CA MET B 215 30.22 22.23 -4.38
C MET B 215 28.88 22.96 -4.34
N LYS B 216 28.72 23.93 -5.24
CA LYS B 216 27.51 24.72 -5.33
C LYS B 216 26.36 23.91 -5.93
N LEU B 217 26.68 22.89 -6.74
CA LEU B 217 25.69 21.95 -7.25
C LEU B 217 25.06 21.14 -6.12
N VAL B 218 25.86 20.83 -5.11
CA VAL B 218 25.44 20.18 -3.87
C VAL B 218 24.44 21.09 -3.12
N SER B 219 24.80 22.36 -2.99
CA SER B 219 23.92 23.37 -2.39
C SER B 219 22.60 23.47 -3.16
N LEU B 220 22.69 23.49 -4.49
CA LEU B 220 21.51 23.55 -5.36
C LEU B 220 20.55 22.36 -5.25
N ARG B 221 21.07 21.14 -5.01
CA ARG B 221 20.19 19.99 -4.73
C ARG B 221 19.37 20.16 -3.48
N THR B 222 20.01 20.68 -2.42
CA THR B 222 19.32 20.98 -1.17
C THR B 222 18.22 22.03 -1.41
N LEU B 223 18.58 23.14 -2.08
CA LEU B 223 17.62 24.20 -2.43
C LEU B 223 16.42 23.68 -3.25
N SER B 224 16.67 22.73 -4.15
CA SER B 224 15.60 22.08 -4.90
C SER B 224 14.63 21.35 -3.99
N SER B 225 15.17 20.61 -3.02
CA SER B 225 14.38 19.98 -1.96
C SER B 225 13.57 20.99 -1.12
N VAL B 226 14.21 22.06 -0.69
CA VAL B 226 13.55 23.20 -0.05
C VAL B 226 12.38 23.79 -0.90
N HIS B 227 12.58 23.89 -2.21
CA HIS B 227 11.55 24.36 -3.14
C HIS B 227 10.33 23.43 -3.26
N SER B 228 10.56 22.12 -3.35
CA SER B 228 9.48 21.11 -3.27
C SER B 228 8.59 21.26 -2.04
N GLU B 229 9.21 21.61 -0.92
CA GLU B 229 8.52 21.82 0.36
C GLU B 229 7.65 23.06 0.23
N GLN B 230 8.22 24.10 -0.39
CA GLN B 230 7.53 25.34 -0.65
C GLN B 230 6.34 25.17 -1.59
N VAL B 231 6.48 24.36 -2.64
CA VAL B 231 5.34 24.18 -3.54
C VAL B 231 4.25 23.37 -2.85
N PHE B 232 4.65 22.46 -1.96
CA PHE B 232 3.72 21.67 -1.15
C PHE B 232 2.92 22.56 -0.18
N ALA B 233 3.60 23.55 0.41
CA ALA B 233 2.97 24.52 1.31
C ALA B 233 1.94 25.47 0.62
N LEU B 234 2.04 25.63 -0.70
CA LEU B 234 1.08 26.43 -1.46
C LEU B 234 -0.34 25.85 -1.36
N ARG B 235 -0.40 24.52 -1.39
CA ARG B 235 -1.64 23.74 -1.30
C ARG B 235 -2.57 24.25 -0.19
N LEU B 236 -2.03 24.38 1.03
CA LEU B 236 -2.82 24.77 2.20
C LEU B 236 -3.04 26.29 2.28
N GLN B 237 -2.26 27.05 1.50
CA GLN B 237 -2.35 28.52 1.52
C GLN B 237 -3.38 29.07 0.53
N ASP B 238 -4.13 28.17 -0.12
CA ASP B 238 -5.12 28.53 -1.15
C ASP B 238 -4.43 29.17 -2.37
N LYS B 239 -3.23 28.69 -2.68
CA LYS B 239 -2.44 29.15 -3.83
C LYS B 239 -2.15 28.03 -4.80
N LYS B 240 -2.32 28.31 -6.08
CA LYS B 240 -2.13 27.34 -7.15
C LYS B 240 -1.13 27.83 -8.18
N LEU B 241 -0.25 26.92 -8.61
CA LEU B 241 0.67 27.19 -9.71
C LEU B 241 -0.06 27.26 -11.05
N PRO B 242 0.28 28.25 -11.90
CA PRO B 242 -0.35 28.36 -13.22
C PRO B 242 0.13 27.20 -14.10
N PRO B 243 -0.65 26.82 -15.13
CA PRO B 243 -0.37 25.65 -15.96
C PRO B 243 1.10 25.33 -16.27
N LEU B 244 1.86 26.32 -16.74
CA LEU B 244 3.23 26.06 -17.15
C LEU B 244 4.16 25.72 -16.00
N LEU B 245 3.90 26.29 -14.82
CA LEU B 245 4.73 25.98 -13.65
C LEU B 245 4.28 24.67 -13.03
N SER B 246 2.99 24.39 -13.15
CA SER B 246 2.37 23.19 -12.60
C SER B 246 2.88 21.93 -13.30
N GLU B 247 3.05 22.00 -14.62
CA GLU B 247 3.56 20.86 -15.39
C GLU B 247 4.99 20.44 -15.02
N ILE B 248 5.78 21.36 -14.44
CA ILE B 248 7.14 21.07 -14.00
C ILE B 248 7.21 20.68 -12.51
N TRP B 249 6.47 21.41 -11.68
CA TRP B 249 6.66 21.36 -10.22
C TRP B 249 5.58 20.67 -9.41
N ASP B 250 4.35 20.59 -9.94
CA ASP B 250 3.30 19.85 -9.24
C ASP B 250 3.48 18.35 -9.43
N LEU C 12 -24.28 -36.80 27.46
CA LEU C 12 -25.13 -35.57 27.58
C LEU C 12 -25.32 -35.15 29.03
N THR C 13 -25.40 -33.84 29.24
CA THR C 13 -25.68 -33.31 30.58
C THR C 13 -27.18 -33.36 30.84
N ALA C 14 -27.56 -33.36 32.12
CA ALA C 14 -28.97 -33.36 32.53
C ALA C 14 -29.75 -32.21 31.87
N ALA C 15 -29.10 -31.06 31.78
CA ALA C 15 -29.71 -29.84 31.24
C ALA C 15 -29.98 -29.92 29.73
N GLN C 16 -29.04 -30.53 29.00
CA GLN C 16 -29.21 -30.79 27.56
C GLN C 16 -30.31 -31.83 27.29
N GLU C 17 -30.31 -32.92 28.06
CA GLU C 17 -31.38 -33.94 28.03
C GLU C 17 -32.77 -33.31 28.22
N LEU C 18 -32.90 -32.45 29.24
CA LEU C 18 -34.15 -31.73 29.55
C LEU C 18 -34.60 -30.86 28.38
N MET C 19 -33.62 -30.24 27.73
CA MET C 19 -33.79 -29.37 26.58
C MET C 19 -34.25 -30.15 25.35
N ILE C 20 -33.59 -31.26 25.07
CA ILE C 20 -33.91 -32.10 23.90
C ILE C 20 -35.27 -32.78 24.07
N GLN C 21 -35.56 -33.21 25.29
CA GLN C 21 -36.83 -33.87 25.58
C GLN C 21 -38.01 -32.90 25.53
N GLN C 22 -37.72 -31.62 25.80
CA GLN C 22 -38.72 -30.56 25.75
C GLN C 22 -39.16 -30.26 24.31
N LEU C 23 -38.19 -30.14 23.41
CA LEU C 23 -38.46 -29.95 21.97
C LEU C 23 -39.15 -31.15 21.36
N VAL C 24 -38.77 -32.35 21.82
CA VAL C 24 -39.38 -33.60 21.37
C VAL C 24 -40.83 -33.74 21.87
N ALA C 25 -41.07 -33.39 23.13
CA ALA C 25 -42.40 -33.44 23.72
C ALA C 25 -43.33 -32.43 23.10
N ALA C 26 -42.81 -31.23 22.81
CA ALA C 26 -43.56 -30.16 22.17
C ALA C 26 -44.01 -30.56 20.76
N GLN C 27 -43.10 -31.14 20.00
CA GLN C 27 -43.35 -31.55 18.62
C GLN C 27 -44.39 -32.67 18.51
N LEU C 28 -44.58 -33.41 19.59
CA LEU C 28 -45.56 -34.49 19.64
C LEU C 28 -46.98 -33.98 19.89
N GLN C 29 -47.10 -32.99 20.77
CA GLN C 29 -48.39 -32.48 21.23
C GLN C 29 -49.05 -31.50 20.28
N CYS C 30 -48.23 -30.73 19.56
CA CYS C 30 -48.73 -29.78 18.55
C CYS C 30 -49.36 -30.51 17.37
N ASN C 31 -48.83 -31.69 17.06
CA ASN C 31 -49.37 -32.55 16.02
C ASN C 31 -50.46 -33.50 16.54
N LYS C 32 -50.69 -33.47 17.87
CA LYS C 32 -51.75 -34.23 18.50
C LYS C 32 -53.04 -33.42 18.47
N ARG C 33 -52.89 -32.10 18.45
CA ARG C 33 -54.00 -31.16 18.28
C ARG C 33 -54.46 -31.12 16.81
N SER C 34 -54.31 -32.25 16.11
CA SER C 34 -54.67 -32.38 14.70
C SER C 34 -54.85 -33.85 14.31
N PHE C 60 -57.01 -26.60 -4.48
CA PHE C 60 -56.17 -25.52 -4.00
C PHE C 60 -56.50 -25.16 -2.55
N ALA C 61 -57.79 -24.99 -2.27
CA ALA C 61 -58.27 -24.60 -0.94
C ALA C 61 -57.95 -25.63 0.14
N HIS C 62 -57.93 -26.90 -0.25
CA HIS C 62 -57.53 -27.98 0.66
C HIS C 62 -56.10 -27.79 1.14
N PHE C 63 -55.22 -27.43 0.21
CA PHE C 63 -53.82 -27.13 0.53
C PHE C 63 -53.68 -25.87 1.37
N THR C 64 -54.49 -24.86 1.04
CA THR C 64 -54.55 -23.61 1.83
C THR C 64 -54.89 -23.90 3.30
N GLU C 65 -55.86 -24.79 3.52
CA GLU C 65 -56.30 -25.17 4.87
C GLU C 65 -55.25 -25.96 5.65
N LEU C 66 -54.51 -26.82 4.94
CA LEU C 66 -53.43 -27.60 5.54
C LEU C 66 -52.24 -26.71 5.92
N ALA C 67 -51.96 -25.73 5.08
CA ALA C 67 -50.94 -24.71 5.37
C ALA C 67 -51.28 -23.96 6.66
N ILE C 68 -52.49 -23.43 6.73
CA ILE C 68 -52.95 -22.65 7.89
C ILE C 68 -52.80 -23.40 9.22
N ILE C 69 -53.13 -24.70 9.22
CA ILE C 69 -52.95 -25.56 10.40
C ILE C 69 -51.49 -25.66 10.84
N SER C 70 -50.57 -25.77 9.87
CA SER C 70 -49.13 -25.85 10.17
C SER C 70 -48.64 -24.55 10.80
N VAL C 71 -49.04 -23.42 10.22
CA VAL C 71 -48.68 -22.10 10.74
C VAL C 71 -49.08 -21.98 12.22
N GLN C 72 -50.23 -22.56 12.55
CA GLN C 72 -50.74 -22.57 13.92
C GLN C 72 -49.99 -23.57 14.80
N GLU C 73 -49.55 -24.66 14.19
CA GLU C 73 -48.75 -25.68 14.89
C GLU C 73 -47.33 -25.19 15.15
N ILE C 74 -46.81 -24.41 14.21
CA ILE C 74 -45.48 -23.80 14.32
C ILE C 74 -45.44 -22.71 15.41
N VAL C 75 -46.46 -21.86 15.43
CA VAL C 75 -46.59 -20.83 16.48
C VAL C 75 -46.61 -21.47 17.88
N ASP C 76 -47.37 -22.54 18.05
CA ASP C 76 -47.51 -23.20 19.34
C ASP C 76 -46.24 -23.95 19.75
N PHE C 77 -45.55 -24.50 18.75
CA PHE C 77 -44.24 -25.11 18.96
C PHE C 77 -43.23 -24.08 19.47
N ALA C 78 -43.12 -22.98 18.74
CA ALA C 78 -42.16 -21.91 19.00
C ALA C 78 -42.23 -21.36 20.43
N LYS C 79 -43.45 -21.17 20.93
CA LYS C 79 -43.68 -20.63 22.28
C LYS C 79 -43.08 -21.55 23.35
N GLN C 80 -42.98 -22.83 23.02
CA GLN C 80 -42.47 -23.86 23.91
C GLN C 80 -40.98 -24.15 23.69
N VAL C 81 -40.36 -23.44 22.75
CA VAL C 81 -38.90 -23.54 22.59
C VAL C 81 -38.22 -22.65 23.61
N PRO C 82 -37.49 -23.25 24.58
CA PRO C 82 -36.80 -22.41 25.56
C PRO C 82 -35.93 -21.33 24.92
N GLY C 83 -36.08 -20.10 25.41
CA GLY C 83 -35.36 -18.95 24.87
C GLY C 83 -36.20 -18.08 23.97
N PHE C 84 -37.26 -18.67 23.39
CA PHE C 84 -38.13 -17.93 22.48
C PHE C 84 -38.84 -16.78 23.17
N LEU C 85 -39.38 -17.03 24.37
CA LEU C 85 -40.11 -15.97 25.07
C LEU C 85 -39.23 -14.96 25.81
N GLN C 86 -37.92 -15.14 25.78
CA GLN C 86 -37.02 -14.08 26.28
C GLN C 86 -36.65 -13.06 25.18
N LEU C 87 -37.08 -13.30 23.96
CA LEU C 87 -36.95 -12.34 22.88
C LEU C 87 -38.07 -11.30 23.00
N GLY C 88 -37.81 -10.08 22.54
CA GLY C 88 -38.86 -9.08 22.39
C GLY C 88 -39.92 -9.58 21.41
N ARG C 89 -41.15 -9.11 21.58
CA ARG C 89 -42.26 -9.61 20.75
C ARG C 89 -42.06 -9.39 19.25
N GLU C 90 -41.40 -8.28 18.91
CA GLU C 90 -41.05 -7.97 17.51
C GLU C 90 -40.09 -8.99 16.88
N ASP C 91 -39.10 -9.45 17.64
CA ASP C 91 -38.23 -10.54 17.18
C ASP C 91 -38.94 -11.89 17.15
N GLN C 92 -39.81 -12.12 18.11
CA GLN C 92 -40.66 -13.32 18.09
C GLN C 92 -41.40 -13.42 16.75
N ILE C 93 -42.00 -12.29 16.36
CA ILE C 93 -42.76 -12.16 15.12
C ILE C 93 -41.85 -12.19 13.89
N ALA C 94 -40.74 -11.45 13.95
CA ALA C 94 -39.74 -11.46 12.87
C ALA C 94 -39.17 -12.85 12.59
N LEU C 95 -38.84 -13.60 13.64
CA LEU C 95 -38.22 -14.93 13.49
C LEU C 95 -39.22 -16.00 13.03
N LEU C 96 -40.47 -15.87 13.44
CA LEU C 96 -41.54 -16.77 13.02
C LEU C 96 -41.95 -16.56 11.58
N LYS C 97 -41.86 -15.31 11.11
CA LYS C 97 -42.26 -14.99 9.76
C LYS C 97 -41.31 -15.65 8.77
N ALA C 98 -40.01 -15.51 9.03
CA ALA C 98 -38.97 -16.07 8.18
C ALA C 98 -38.92 -17.60 8.28
N SER C 99 -39.03 -18.11 9.51
CA SER C 99 -38.97 -19.55 9.79
C SER C 99 -40.12 -20.38 9.25
N THR C 100 -41.34 -19.81 9.25
CA THR C 100 -42.53 -20.62 8.98
C THR C 100 -42.41 -21.55 7.77
N ILE C 101 -42.02 -21.00 6.62
CA ILE C 101 -41.88 -21.81 5.40
C ILE C 101 -40.79 -22.88 5.53
N GLU C 102 -39.70 -22.54 6.21
CA GLU C 102 -38.58 -23.46 6.40
C GLU C 102 -38.91 -24.62 7.34
N ILE C 103 -39.71 -24.36 8.37
CA ILE C 103 -40.19 -25.41 9.28
C ILE C 103 -41.26 -26.24 8.59
N MET C 104 -42.11 -25.58 7.80
CA MET C 104 -43.11 -26.28 6.97
C MET C 104 -42.48 -27.35 6.08
N LEU C 105 -41.32 -27.05 5.50
CA LEU C 105 -40.64 -27.96 4.58
C LEU C 105 -39.82 -29.04 5.30
N LEU C 106 -39.36 -28.70 6.51
CA LEU C 106 -38.60 -29.61 7.36
C LEU C 106 -39.51 -30.67 7.96
N GLU C 107 -40.77 -30.30 8.18
CA GLU C 107 -41.80 -31.22 8.67
C GLU C 107 -42.41 -32.09 7.56
N THR C 108 -42.47 -31.53 6.36
CA THR C 108 -42.91 -32.27 5.18
C THR C 108 -41.89 -33.37 4.85
N ALA C 109 -40.60 -33.07 5.05
CA ALA C 109 -39.51 -34.02 4.87
C ALA C 109 -39.55 -35.13 5.93
N ARG C 110 -39.90 -34.75 7.14
CA ARG C 110 -39.98 -35.68 8.27
C ARG C 110 -41.13 -36.69 8.09
N ARG C 111 -42.20 -36.24 7.45
CA ARG C 111 -43.38 -37.08 7.25
C ARG C 111 -43.46 -37.62 5.82
N TYR C 112 -42.30 -37.74 5.19
CA TYR C 112 -42.17 -38.36 3.87
C TYR C 112 -41.85 -39.84 4.01
N ASN C 113 -42.53 -40.67 3.23
CA ASN C 113 -42.34 -42.11 3.23
C ASN C 113 -41.78 -42.58 1.88
N HIS C 114 -40.64 -43.26 1.91
CA HIS C 114 -39.98 -43.76 0.69
C HIS C 114 -40.74 -44.94 0.05
N GLU C 115 -41.41 -45.74 0.87
CA GLU C 115 -42.14 -46.91 0.39
C GLU C 115 -43.23 -46.59 -0.64
N THR C 116 -43.82 -45.40 -0.52
CA THR C 116 -44.90 -44.98 -1.43
C THR C 116 -44.56 -43.70 -2.20
N GLU C 117 -43.62 -42.93 -1.66
CA GLU C 117 -43.23 -41.61 -2.20
C GLU C 117 -44.37 -40.59 -2.07
N CYS C 118 -45.07 -40.68 -0.93
CA CYS C 118 -46.20 -39.81 -0.61
C CYS C 118 -46.06 -39.24 0.80
N ILE C 119 -46.32 -37.94 0.91
CA ILE C 119 -46.21 -37.24 2.19
C ILE C 119 -47.54 -37.31 2.95
N THR C 120 -47.44 -37.58 4.26
CA THR C 120 -48.61 -37.76 5.11
C THR C 120 -48.89 -36.54 5.99
N PHE C 121 -50.08 -35.97 5.82
CA PHE C 121 -50.58 -34.89 6.66
C PHE C 121 -51.82 -35.35 7.44
N LEU C 122 -51.96 -34.85 8.67
CA LEU C 122 -53.08 -35.21 9.56
C LEU C 122 -53.31 -36.73 9.68
N LYS C 123 -52.25 -37.45 10.01
CA LYS C 123 -52.28 -38.90 10.30
C LYS C 123 -52.52 -39.82 9.10
N ASP C 124 -53.56 -39.54 8.31
CA ASP C 124 -54.04 -40.50 7.30
C ASP C 124 -53.96 -40.05 5.83
N PHE C 125 -53.99 -38.74 5.59
CA PHE C 125 -54.05 -38.22 4.23
C PHE C 125 -52.68 -38.20 3.54
N THR C 126 -52.59 -38.88 2.39
CA THR C 126 -51.33 -38.97 1.63
C THR C 126 -51.44 -38.35 0.25
N TYR C 127 -50.38 -37.64 -0.15
CA TYR C 127 -50.35 -36.91 -1.42
C TYR C 127 -49.10 -37.25 -2.23
N SER C 128 -49.30 -37.57 -3.51
CA SER C 128 -48.18 -37.83 -4.42
C SER C 128 -47.68 -36.52 -5.05
N LYS C 129 -46.60 -36.60 -5.81
CA LYS C 129 -46.02 -35.43 -6.49
C LYS C 129 -47.03 -34.74 -7.40
N ASP C 130 -47.81 -35.54 -8.13
CA ASP C 130 -48.81 -35.02 -9.06
C ASP C 130 -50.03 -34.42 -8.35
N ASP C 131 -50.27 -34.84 -7.11
CA ASP C 131 -51.32 -34.28 -6.27
C ASP C 131 -50.87 -32.96 -5.64
N PHE C 141 -41.18 -25.44 -7.94
CA PHE C 141 -41.46 -25.43 -6.50
C PHE C 141 -41.82 -26.82 -5.98
N ILE C 142 -42.67 -27.52 -6.73
CA ILE C 142 -43.13 -28.87 -6.37
C ILE C 142 -41.96 -29.87 -6.27
N ASN C 143 -41.07 -29.83 -7.27
CA ASN C 143 -39.93 -30.76 -7.35
C ASN C 143 -38.89 -30.59 -6.23
N PRO C 144 -38.37 -29.35 -6.02
CA PRO C 144 -37.44 -29.12 -4.91
C PRO C 144 -37.97 -29.50 -3.53
N ILE C 145 -39.30 -29.51 -3.37
CA ILE C 145 -39.92 -29.97 -2.11
C ILE C 145 -39.68 -31.47 -1.91
N PHE C 146 -39.76 -32.23 -3.00
CA PHE C 146 -39.57 -33.67 -2.96
C PHE C 146 -38.10 -34.08 -2.91
N GLU C 147 -37.25 -33.32 -3.62
CA GLU C 147 -35.82 -33.56 -3.64
C GLU C 147 -35.17 -33.25 -2.29
N PHE C 148 -35.63 -32.18 -1.64
CA PHE C 148 -35.25 -31.86 -0.26
C PHE C 148 -35.68 -32.99 0.67
N SER C 149 -36.95 -33.41 0.56
CA SER C 149 -37.53 -34.49 1.34
C SER C 149 -36.74 -35.79 1.18
N ARG C 150 -36.27 -36.04 -0.04
CA ARG C 150 -35.48 -37.22 -0.37
C ARG C 150 -34.08 -37.09 0.21
N ALA C 151 -33.47 -35.92 0.06
CA ALA C 151 -32.14 -35.64 0.59
C ALA C 151 -32.07 -35.81 2.11
N MET C 152 -33.20 -35.53 2.77
CA MET C 152 -33.31 -35.61 4.23
C MET C 152 -33.45 -37.03 4.76
N ARG C 153 -33.83 -37.96 3.88
CA ARG C 153 -33.95 -39.36 4.27
C ARG C 153 -32.60 -40.08 4.27
N ARG C 154 -31.71 -39.64 3.39
CA ARG C 154 -30.33 -40.13 3.36
C ARG C 154 -29.57 -39.81 4.65
N LEU C 155 -29.95 -38.69 5.29
CA LEU C 155 -29.39 -38.35 6.60
C LEU C 155 -30.01 -39.17 7.72
N GLY C 156 -31.23 -39.66 7.49
CA GLY C 156 -31.94 -40.52 8.43
C GLY C 156 -32.10 -39.93 9.82
N LEU C 157 -32.66 -38.73 9.89
CA LEU C 157 -32.83 -38.05 11.17
C LEU C 157 -33.98 -38.65 11.98
N ASP C 158 -33.76 -38.78 13.29
CA ASP C 158 -34.83 -39.13 14.22
C ASP C 158 -35.55 -37.86 14.70
N ASP C 159 -36.53 -38.02 15.58
CA ASP C 159 -37.33 -36.91 16.09
C ASP C 159 -36.51 -35.85 16.84
N ALA C 160 -35.44 -36.28 17.50
CA ALA C 160 -34.56 -35.38 18.26
C ALA C 160 -33.72 -34.45 17.38
N GLU C 161 -33.16 -35.00 16.30
CA GLU C 161 -32.33 -34.23 15.36
C GLU C 161 -33.17 -33.27 14.51
N TYR C 162 -34.39 -33.69 14.18
CA TYR C 162 -35.33 -32.79 13.50
C TYR C 162 -35.69 -31.58 14.37
N ALA C 163 -36.03 -31.85 15.63
CA ALA C 163 -36.46 -30.84 16.58
C ALA C 163 -35.33 -29.85 16.92
N LEU C 164 -34.10 -30.35 16.96
CA LEU C 164 -32.94 -29.50 17.21
C LEU C 164 -32.62 -28.59 16.01
N LEU C 165 -32.82 -29.10 14.80
CA LEU C 165 -32.63 -28.28 13.60
C LEU C 165 -33.66 -27.18 13.48
N ILE C 166 -34.89 -27.49 13.88
CA ILE C 166 -35.95 -26.49 13.93
C ILE C 166 -35.59 -25.35 14.89
N ALA C 167 -35.19 -25.69 16.12
CA ALA C 167 -34.79 -24.70 17.13
C ALA C 167 -33.59 -23.87 16.69
N ILE C 168 -32.61 -24.51 16.06
CA ILE C 168 -31.47 -23.80 15.46
C ILE C 168 -31.95 -22.85 14.34
N ASN C 169 -32.94 -23.31 13.57
CA ASN C 169 -33.52 -22.55 12.46
C ASN C 169 -34.28 -21.32 12.94
N ILE C 170 -35.02 -21.49 14.04
CA ILE C 170 -35.74 -20.39 14.69
C ILE C 170 -34.78 -19.27 15.12
N PHE C 171 -33.67 -19.63 15.77
CA PHE C 171 -32.70 -18.63 16.26
C PHE C 171 -31.61 -18.25 15.27
N SER C 172 -32.03 -17.60 14.19
CA SER C 172 -31.12 -17.14 13.17
C SER C 172 -31.04 -15.62 13.27
N ALA C 173 -29.84 -15.11 13.51
CA ALA C 173 -29.62 -13.69 13.76
C ALA C 173 -29.71 -12.85 12.49
N ASP C 174 -29.68 -13.52 11.33
CA ASP C 174 -29.59 -12.85 10.02
C ASP C 174 -30.94 -12.59 9.35
N ARG C 175 -32.02 -13.05 9.95
CA ARG C 175 -33.36 -12.82 9.43
C ARG C 175 -33.67 -11.33 9.27
N PRO C 176 -34.52 -10.99 8.28
CA PRO C 176 -34.93 -9.60 8.12
C PRO C 176 -35.73 -9.12 9.32
N ASN C 177 -35.55 -7.85 9.69
CA ASN C 177 -36.30 -7.17 10.75
C ASN C 177 -35.98 -7.59 12.19
N VAL C 178 -34.92 -8.39 12.37
CA VAL C 178 -34.47 -8.80 13.71
C VAL C 178 -33.83 -7.61 14.44
N GLN C 179 -34.39 -7.25 15.59
CA GLN C 179 -33.94 -6.08 16.33
C GLN C 179 -32.78 -6.39 17.28
N GLU C 180 -32.66 -7.64 17.71
CA GLU C 180 -31.60 -8.03 18.65
C GLU C 180 -30.81 -9.27 18.23
N PRO C 181 -29.93 -9.11 17.20
CA PRO C 181 -29.13 -10.23 16.67
C PRO C 181 -28.18 -10.90 17.69
N GLY C 182 -27.60 -10.13 18.61
CA GLY C 182 -26.66 -10.67 19.61
C GLY C 182 -27.33 -11.65 20.57
N ARG C 183 -28.49 -11.24 21.08
CA ARG C 183 -29.40 -12.07 21.85
C ARG C 183 -29.88 -13.30 21.05
N VAL C 184 -30.20 -13.12 19.77
CA VAL C 184 -30.63 -14.26 18.93
C VAL C 184 -29.55 -15.33 18.73
N GLU C 185 -28.34 -14.90 18.38
CA GLU C 185 -27.20 -15.79 18.27
C GLU C 185 -26.95 -16.53 19.58
N ALA C 186 -26.90 -15.78 20.69
CA ALA C 186 -26.67 -16.37 22.01
C ALA C 186 -27.66 -17.47 22.34
N LEU C 187 -28.92 -17.29 21.89
CA LEU C 187 -29.95 -18.32 22.07
C LEU C 187 -29.75 -19.54 21.19
N GLN C 188 -29.20 -19.35 19.98
CA GLN C 188 -28.86 -20.45 19.06
C GLN C 188 -27.75 -21.41 19.52
N GLN C 189 -26.79 -20.88 20.27
CA GLN C 189 -25.57 -21.60 20.69
C GLN C 189 -25.78 -22.87 21.53
N PRO C 190 -26.63 -22.83 22.58
CA PRO C 190 -26.84 -24.09 23.32
C PRO C 190 -27.41 -25.23 22.46
N TYR C 191 -28.29 -24.88 21.52
CA TYR C 191 -28.89 -25.84 20.59
C TYR C 191 -27.88 -26.44 19.62
N VAL C 192 -26.91 -25.61 19.20
CA VAL C 192 -25.83 -26.06 18.33
C VAL C 192 -24.87 -26.99 19.08
N GLU C 193 -24.68 -26.73 20.38
CA GLU C 193 -23.87 -27.61 21.23
C GLU C 193 -24.56 -28.95 21.46
N ALA C 194 -25.88 -28.92 21.67
CA ALA C 194 -26.65 -30.11 21.98
C ALA C 194 -26.77 -31.06 20.79
N LEU C 195 -26.89 -30.51 19.59
CA LEU C 195 -26.95 -31.32 18.38
C LEU C 195 -25.58 -31.91 18.07
N LEU C 196 -24.53 -31.12 18.29
CA LEU C 196 -23.16 -31.59 18.16
C LEU C 196 -22.94 -32.80 19.05
N SER C 197 -23.35 -32.68 20.32
CA SER C 197 -23.27 -33.77 21.28
C SER C 197 -24.20 -34.94 20.94
N TYR C 198 -25.44 -34.64 20.55
CA TYR C 198 -26.41 -35.68 20.21
C TYR C 198 -25.99 -36.55 19.02
N THR C 199 -25.38 -35.92 18.02
CA THR C 199 -24.91 -36.64 16.84
C THR C 199 -23.66 -37.50 17.11
N ARG C 200 -22.86 -37.09 18.11
CA ARG C 200 -21.65 -37.82 18.49
C ARG C 200 -21.94 -39.17 19.16
N ILE C 201 -23.00 -39.21 19.95
CA ILE C 201 -23.43 -40.43 20.63
C ILE C 201 -24.11 -41.38 19.64
N LYS C 202 -24.98 -40.82 18.79
CA LYS C 202 -25.70 -41.58 17.76
C LYS C 202 -24.76 -42.26 16.76
N ARG C 203 -23.90 -41.48 16.11
CA ARG C 203 -22.92 -42.03 15.17
C ARG C 203 -21.52 -41.45 15.43
N PRO C 204 -20.72 -42.13 16.28
CA PRO C 204 -19.38 -41.67 16.64
C PRO C 204 -18.33 -41.87 15.55
N GLN C 205 -18.63 -42.71 14.56
CA GLN C 205 -17.71 -42.97 13.46
C GLN C 205 -18.11 -42.27 12.16
N ASP C 206 -19.11 -41.39 12.24
CA ASP C 206 -19.58 -40.64 11.08
C ASP C 206 -19.53 -39.14 11.35
N GLN C 207 -18.31 -38.59 11.37
CA GLN C 207 -18.09 -37.18 11.70
C GLN C 207 -18.50 -36.19 10.60
N LEU C 208 -19.21 -36.69 9.58
CA LEU C 208 -19.75 -35.83 8.53
C LEU C 208 -21.26 -35.69 8.65
N ARG C 209 -21.86 -36.51 9.52
CA ARG C 209 -23.29 -36.47 9.81
C ARG C 209 -23.75 -35.05 10.22
N PHE C 210 -23.09 -34.50 11.24
CA PHE C 210 -23.44 -33.19 11.78
C PHE C 210 -23.27 -32.06 10.76
N PRO C 211 -22.08 -31.95 10.13
CA PRO C 211 -21.91 -30.98 9.06
C PRO C 211 -23.05 -31.03 8.02
N ARG C 212 -23.36 -32.22 7.52
CA ARG C 212 -24.38 -32.42 6.49
C ARG C 212 -25.75 -31.89 6.92
N MET C 213 -26.08 -32.08 8.19
CA MET C 213 -27.30 -31.56 8.78
C MET C 213 -27.38 -30.04 8.71
N LEU C 214 -26.26 -29.38 8.97
CA LEU C 214 -26.20 -27.92 8.97
C LEU C 214 -26.30 -27.35 7.56
N MET C 215 -25.76 -28.08 6.58
CA MET C 215 -25.80 -27.70 5.18
C MET C 215 -27.21 -27.74 4.60
N LYS C 216 -28.13 -28.39 5.32
CA LYS C 216 -29.53 -28.43 4.90
C LYS C 216 -30.29 -27.20 5.38
N LEU C 217 -29.66 -26.44 6.27
CA LEU C 217 -30.17 -25.13 6.67
C LEU C 217 -29.83 -24.10 5.61
N VAL C 218 -28.73 -24.36 4.89
CA VAL C 218 -28.31 -23.59 3.72
C VAL C 218 -29.33 -23.73 2.59
N SER C 219 -29.76 -24.96 2.33
CA SER C 219 -30.70 -25.28 1.26
C SER C 219 -32.07 -24.65 1.51
N LEU C 220 -32.53 -24.71 2.76
CA LEU C 220 -33.82 -24.14 3.16
C LEU C 220 -33.92 -22.64 2.91
N ARG C 221 -32.80 -21.93 3.03
CA ARG C 221 -32.75 -20.49 2.79
C ARG C 221 -33.12 -20.15 1.37
N THR C 222 -32.53 -20.90 0.43
CA THR C 222 -32.79 -20.78 -0.99
C THR C 222 -34.21 -21.28 -1.29
N LEU C 223 -34.58 -22.38 -0.64
CA LEU C 223 -35.90 -22.98 -0.81
C LEU C 223 -37.00 -22.03 -0.34
N SER C 224 -36.61 -21.04 0.46
CA SER C 224 -37.51 -20.00 0.95
C SER C 224 -37.72 -18.92 -0.12
N SER C 225 -36.70 -18.69 -0.94
CA SER C 225 -36.79 -17.76 -2.08
C SER C 225 -37.62 -18.35 -3.22
N VAL C 226 -37.63 -19.68 -3.32
CA VAL C 226 -38.43 -20.41 -4.29
C VAL C 226 -39.93 -20.33 -3.98
N HIS C 227 -40.28 -20.49 -2.70
CA HIS C 227 -41.68 -20.35 -2.26
C HIS C 227 -42.23 -18.95 -2.51
N SER C 228 -41.41 -17.94 -2.26
CA SER C 228 -41.76 -16.56 -2.57
C SER C 228 -42.13 -16.38 -4.05
N GLU C 229 -41.39 -17.06 -4.93
CA GLU C 229 -41.69 -17.06 -6.36
C GLU C 229 -42.98 -17.80 -6.70
N GLN C 230 -43.29 -18.84 -5.94
CA GLN C 230 -44.58 -19.55 -6.03
C GLN C 230 -45.73 -18.57 -5.75
N VAL C 231 -45.63 -17.85 -4.63
CA VAL C 231 -46.58 -16.79 -4.27
C VAL C 231 -46.50 -15.66 -5.29
N LEU D 12 -3.36 -33.93 9.10
CA LEU D 12 -3.87 -33.97 7.69
C LEU D 12 -3.02 -34.90 6.83
N THR D 13 -3.69 -35.60 5.92
CA THR D 13 -3.02 -36.50 4.96
C THR D 13 -2.23 -35.69 3.93
N ALA D 14 -1.33 -36.36 3.21
CA ALA D 14 -0.51 -35.71 2.19
C ALA D 14 -1.33 -35.02 1.11
N ALA D 15 -2.35 -35.71 0.60
CA ALA D 15 -3.22 -35.20 -0.46
C ALA D 15 -4.01 -33.98 0.00
N GLN D 16 -4.52 -34.05 1.22
CA GLN D 16 -5.31 -32.96 1.79
C GLN D 16 -4.44 -31.76 2.13
N GLU D 17 -3.20 -32.02 2.53
CA GLU D 17 -2.24 -30.93 2.75
C GLU D 17 -1.93 -30.17 1.45
N LEU D 18 -1.69 -30.92 0.37
CA LEU D 18 -1.44 -30.34 -0.95
C LEU D 18 -2.66 -29.61 -1.50
N MET D 19 -3.84 -30.19 -1.29
CA MET D 19 -5.11 -29.60 -1.73
C MET D 19 -5.28 -28.19 -1.18
N ILE D 20 -5.16 -28.06 0.14
CA ILE D 20 -5.38 -26.80 0.85
C ILE D 20 -4.45 -25.69 0.35
N GLN D 21 -3.14 -25.94 0.41
CA GLN D 21 -2.16 -24.93 0.02
C GLN D 21 -2.08 -24.69 -1.49
N GLN D 22 -2.76 -25.53 -2.26
CA GLN D 22 -2.93 -25.31 -3.69
C GLN D 22 -4.00 -24.21 -3.89
N LEU D 23 -4.98 -24.19 -2.98
CA LEU D 23 -6.03 -23.18 -2.98
C LEU D 23 -5.55 -21.86 -2.39
N VAL D 24 -4.78 -21.93 -1.31
CA VAL D 24 -4.18 -20.76 -0.67
C VAL D 24 -3.25 -20.00 -1.65
N ALA D 25 -2.39 -20.74 -2.34
CA ALA D 25 -1.49 -20.15 -3.35
C ALA D 25 -2.25 -19.59 -4.55
N ALA D 26 -3.24 -20.34 -5.05
CA ALA D 26 -4.05 -19.93 -6.21
C ALA D 26 -4.77 -18.61 -5.96
N GLN D 27 -5.23 -18.44 -4.73
CA GLN D 27 -5.92 -17.23 -4.30
C GLN D 27 -4.97 -16.04 -4.18
N LEU D 28 -3.76 -16.30 -3.69
CA LEU D 28 -2.77 -15.25 -3.51
C LEU D 28 -2.07 -14.88 -4.83
N GLN D 29 -2.11 -15.79 -5.79
CA GLN D 29 -1.69 -15.50 -7.16
C GLN D 29 -2.74 -14.63 -7.85
N CYS D 30 -4.00 -14.76 -7.42
CA CYS D 30 -5.08 -13.87 -7.83
C CYS D 30 -4.98 -12.54 -7.10
N ASN D 31 -4.32 -12.55 -5.95
CA ASN D 31 -4.13 -11.36 -5.11
C ASN D 31 -2.90 -10.53 -5.54
N LYS D 32 -2.13 -11.05 -6.49
CA LYS D 32 -0.99 -10.35 -7.08
C LYS D 32 -1.44 -9.29 -8.08
N ARG D 33 -2.55 -9.58 -8.76
CA ARG D 33 -3.14 -8.66 -9.73
C ARG D 33 -3.79 -7.45 -9.03
N SER D 34 -4.03 -7.58 -7.72
CA SER D 34 -4.65 -6.53 -6.91
C SER D 34 -3.95 -5.18 -7.00
N PHE D 35 -2.65 -5.15 -6.71
CA PHE D 35 -1.89 -3.91 -6.68
C PHE D 35 -1.79 -3.26 -8.08
N SER D 36 -1.70 -4.10 -9.11
CA SER D 36 -1.56 -3.64 -10.50
C SER D 36 -2.82 -2.98 -11.08
N ASP D 37 -3.99 -3.38 -10.57
CA ASP D 37 -5.27 -2.82 -11.01
C ASP D 37 -5.63 -1.51 -10.30
N GLN D 38 -4.97 -1.25 -9.18
CA GLN D 38 -5.23 -0.06 -8.34
C GLN D 38 -5.18 1.29 -9.09
N PRO D 39 -4.13 1.54 -9.89
CA PRO D 39 -4.10 2.82 -10.63
C PRO D 39 -5.07 2.90 -11.82
N LYS D 40 -5.71 1.79 -12.18
CA LYS D 40 -6.64 1.74 -13.32
C LYS D 40 -8.05 2.21 -12.97
N VAL D 41 -8.41 2.08 -11.69
CA VAL D 41 -9.76 2.37 -11.21
C VAL D 41 -10.01 3.88 -11.07
N THR D 42 -11.25 4.29 -11.27
CA THR D 42 -11.70 5.64 -10.98
C THR D 42 -11.36 6.04 -9.54
N PRO D 43 -10.74 7.22 -9.34
CA PRO D 43 -10.41 7.73 -8.01
C PRO D 43 -11.63 7.95 -7.12
N TRP D 44 -11.47 7.69 -5.82
CA TRP D 44 -12.49 8.02 -4.83
C TRP D 44 -12.50 9.53 -4.62
N PRO D 45 -13.68 10.17 -4.73
CA PRO D 45 -13.75 11.61 -4.55
C PRO D 45 -13.76 12.02 -3.08
N LEU D 46 -13.33 13.25 -2.80
CA LEU D 46 -13.16 13.75 -1.44
C LEU D 46 -14.43 14.44 -0.94
N GLY D 47 -14.73 14.24 0.35
CA GLY D 47 -15.85 14.92 0.99
C GLY D 47 -17.19 14.28 0.69
N ASP D 54 -24.22 15.04 -7.41
CA ASP D 54 -23.04 15.16 -6.56
C ASP D 54 -21.93 14.23 -7.07
N ALA D 55 -21.06 13.79 -6.17
CA ALA D 55 -20.00 12.84 -6.48
C ALA D 55 -20.51 11.41 -6.30
N ARG D 56 -21.82 11.28 -6.12
CA ARG D 56 -22.50 10.00 -5.96
C ARG D 56 -22.23 9.06 -7.15
N GLN D 57 -22.30 9.60 -8.36
CA GLN D 57 -22.10 8.84 -9.60
C GLN D 57 -20.68 8.30 -9.73
N GLN D 58 -19.70 9.09 -9.29
CA GLN D 58 -18.31 8.67 -9.30
C GLN D 58 -18.03 7.62 -8.22
N ARG D 59 -18.70 7.78 -7.07
CA ARG D 59 -18.57 6.84 -5.97
C ARG D 59 -19.14 5.47 -6.35
N PHE D 60 -20.34 5.49 -6.93
CA PHE D 60 -20.99 4.28 -7.44
C PHE D 60 -20.15 3.63 -8.55
N ALA D 61 -19.59 4.47 -9.42
CA ALA D 61 -18.71 3.99 -10.51
C ALA D 61 -17.46 3.31 -9.97
N HIS D 62 -16.83 3.94 -8.98
CA HIS D 62 -15.70 3.36 -8.24
C HIS D 62 -16.04 1.97 -7.68
N PHE D 63 -17.20 1.86 -7.02
CA PHE D 63 -17.66 0.59 -6.45
C PHE D 63 -17.91 -0.51 -7.49
N THR D 64 -18.60 -0.18 -8.60
CA THR D 64 -18.83 -1.17 -9.67
C THR D 64 -17.54 -1.66 -10.31
N GLU D 65 -16.56 -0.77 -10.44
CA GLU D 65 -15.24 -1.14 -10.95
C GLU D 65 -14.50 -2.11 -10.02
N LEU D 66 -14.64 -1.92 -8.71
CA LEU D 66 -14.08 -2.85 -7.72
C LEU D 66 -14.76 -4.21 -7.84
N ALA D 67 -16.10 -4.18 -7.96
CA ALA D 67 -16.90 -5.38 -8.21
C ALA D 67 -16.39 -6.14 -9.44
N ILE D 68 -16.19 -5.42 -10.54
CA ILE D 68 -15.70 -5.99 -11.81
C ILE D 68 -14.36 -6.74 -11.67
N ILE D 69 -13.43 -6.12 -10.95
CA ILE D 69 -12.12 -6.73 -10.64
C ILE D 69 -12.27 -8.01 -9.83
N SER D 70 -13.14 -7.94 -8.81
CA SER D 70 -13.47 -9.10 -7.96
C SER D 70 -14.00 -10.29 -8.75
N VAL D 71 -14.98 -10.03 -9.62
CA VAL D 71 -15.59 -11.08 -10.45
C VAL D 71 -14.54 -11.80 -11.28
N GLN D 72 -13.67 -11.04 -11.94
CA GLN D 72 -12.58 -11.60 -12.74
C GLN D 72 -11.65 -12.45 -11.87
N GLU D 73 -11.33 -11.93 -10.69
CA GLU D 73 -10.54 -12.65 -9.68
C GLU D 73 -11.21 -13.96 -9.23
N ILE D 74 -12.54 -13.94 -9.07
CA ILE D 74 -13.34 -15.11 -8.69
C ILE D 74 -13.38 -16.18 -9.80
N VAL D 75 -13.43 -15.73 -11.05
CA VAL D 75 -13.46 -16.63 -12.21
C VAL D 75 -12.10 -17.34 -12.35
N ASP D 76 -11.02 -16.58 -12.14
CA ASP D 76 -9.66 -17.10 -12.12
C ASP D 76 -9.44 -18.15 -11.02
N PHE D 77 -10.13 -18.01 -9.90
CA PHE D 77 -9.96 -18.94 -8.77
C PHE D 77 -10.71 -20.25 -8.97
N ALA D 78 -11.94 -20.17 -9.49
CA ALA D 78 -12.79 -21.34 -9.67
C ALA D 78 -12.21 -22.41 -10.60
N LYS D 79 -11.49 -21.96 -11.63
CA LYS D 79 -10.85 -22.85 -12.61
C LYS D 79 -9.64 -23.59 -12.03
N GLN D 80 -9.02 -23.00 -11.02
CA GLN D 80 -7.87 -23.59 -10.33
C GLN D 80 -8.31 -24.54 -9.21
N VAL D 81 -9.58 -24.46 -8.82
CA VAL D 81 -10.14 -25.40 -7.85
C VAL D 81 -10.31 -26.77 -8.52
N PRO D 82 -9.66 -27.82 -7.97
CA PRO D 82 -9.71 -29.14 -8.60
C PRO D 82 -11.14 -29.67 -8.68
N GLY D 83 -11.58 -30.00 -9.90
CA GLY D 83 -12.91 -30.56 -10.13
C GLY D 83 -13.87 -29.70 -10.94
N PHE D 84 -13.77 -28.38 -10.79
CA PHE D 84 -14.69 -27.44 -11.43
C PHE D 84 -14.72 -27.56 -12.96
N LEU D 85 -13.55 -27.69 -13.56
CA LEU D 85 -13.43 -27.74 -15.02
C LEU D 85 -13.84 -29.08 -15.61
N GLN D 86 -13.78 -30.13 -14.79
CA GLN D 86 -14.20 -31.48 -15.20
C GLN D 86 -15.72 -31.56 -15.36
N LEU D 87 -16.43 -30.68 -14.63
CA LEU D 87 -17.89 -30.59 -14.67
C LEU D 87 -18.45 -30.13 -16.02
N GLY D 88 -19.76 -30.33 -16.21
CA GLY D 88 -20.46 -29.88 -17.41
C GLY D 88 -20.47 -28.38 -17.56
N ARG D 89 -20.56 -27.91 -18.80
CA ARG D 89 -20.38 -26.49 -19.10
C ARG D 89 -21.56 -25.60 -18.66
N GLU D 90 -22.75 -26.19 -18.54
CA GLU D 90 -23.94 -25.49 -18.09
C GLU D 90 -23.96 -25.37 -16.57
N ASP D 91 -23.39 -26.37 -15.90
CA ASP D 91 -23.27 -26.40 -14.44
C ASP D 91 -22.21 -25.44 -13.93
N GLN D 92 -21.08 -25.38 -14.64
CA GLN D 92 -19.97 -24.47 -14.33
C GLN D 92 -20.45 -23.02 -14.20
N ILE D 93 -21.30 -22.58 -15.13
CA ILE D 93 -21.79 -21.21 -15.14
C ILE D 93 -22.91 -20.96 -14.13
N ALA D 94 -23.69 -22.00 -13.86
CA ALA D 94 -24.71 -21.98 -12.81
C ALA D 94 -24.07 -21.80 -11.43
N LEU D 95 -22.95 -22.51 -11.21
CA LEU D 95 -22.20 -22.43 -9.95
C LEU D 95 -21.48 -21.09 -9.81
N LEU D 96 -20.99 -20.56 -10.92
CA LEU D 96 -20.33 -19.25 -10.93
C LEU D 96 -21.31 -18.12 -10.71
N LYS D 97 -22.40 -18.11 -11.47
CA LYS D 97 -23.48 -17.13 -11.28
C LYS D 97 -23.86 -16.95 -9.81
N ALA D 98 -24.30 -18.03 -9.18
CA ALA D 98 -24.88 -17.95 -7.83
C ALA D 98 -23.87 -17.65 -6.72
N SER D 99 -22.65 -18.19 -6.85
CA SER D 99 -21.63 -18.07 -5.81
C SER D 99 -20.82 -16.78 -5.86
N THR D 100 -20.90 -16.09 -6.99
CA THR D 100 -20.14 -14.84 -7.21
C THR D 100 -20.37 -13.78 -6.14
N ILE D 101 -21.62 -13.46 -5.85
CA ILE D 101 -21.90 -12.50 -4.80
C ILE D 101 -21.44 -13.04 -3.44
N GLU D 102 -21.68 -14.33 -3.20
CA GLU D 102 -21.32 -14.99 -1.95
C GLU D 102 -19.81 -14.99 -1.69
N ILE D 103 -19.02 -15.40 -2.68
CA ILE D 103 -17.56 -15.31 -2.55
C ILE D 103 -17.11 -13.86 -2.41
N MET D 104 -17.70 -12.96 -3.19
CA MET D 104 -17.41 -11.53 -3.09
C MET D 104 -17.64 -10.94 -1.70
N LEU D 105 -18.71 -11.38 -1.03
CA LEU D 105 -19.06 -10.89 0.29
C LEU D 105 -18.22 -11.54 1.36
N LEU D 106 -17.75 -12.76 1.07
CA LEU D 106 -16.79 -13.46 1.94
C LEU D 106 -15.43 -12.76 1.83
N GLU D 107 -15.04 -12.39 0.61
CA GLU D 107 -13.80 -11.62 0.38
C GLU D 107 -13.84 -10.22 0.98
N THR D 108 -15.00 -9.58 0.92
CA THR D 108 -15.27 -8.33 1.64
C THR D 108 -15.10 -8.53 3.15
N ALA D 109 -15.80 -9.51 3.72
CA ALA D 109 -15.67 -9.85 5.16
C ALA D 109 -14.23 -10.07 5.60
N ARG D 110 -13.47 -10.78 4.77
CA ARG D 110 -12.05 -11.03 4.97
C ARG D 110 -11.25 -9.74 5.09
N ARG D 111 -11.71 -8.68 4.43
CA ARG D 111 -11.00 -7.40 4.39
C ARG D 111 -11.55 -6.33 5.37
N TYR D 112 -12.42 -6.76 6.27
CA TYR D 112 -12.96 -5.94 7.36
C TYR D 112 -11.98 -5.82 8.52
N ASN D 113 -11.78 -4.59 9.00
CA ASN D 113 -10.96 -4.34 10.18
C ASN D 113 -11.86 -3.77 11.29
N HIS D 114 -12.02 -4.50 12.38
CA HIS D 114 -12.97 -4.06 13.43
C HIS D 114 -12.46 -2.97 14.34
N GLU D 115 -11.15 -2.81 14.38
CA GLU D 115 -10.50 -1.68 15.05
C GLU D 115 -11.03 -0.36 14.45
N THR D 116 -11.14 -0.31 13.12
CA THR D 116 -11.53 0.90 12.40
C THR D 116 -12.93 0.82 11.77
N GLU D 117 -13.52 -0.38 11.77
CA GLU D 117 -14.84 -0.64 11.18
C GLU D 117 -14.95 -0.30 9.69
N CYS D 118 -13.83 -0.46 8.99
CA CYS D 118 -13.74 -0.22 7.56
C CYS D 118 -13.31 -1.48 6.82
N ILE D 119 -13.72 -1.57 5.56
CA ILE D 119 -13.32 -2.66 4.68
C ILE D 119 -12.25 -2.11 3.74
N THR D 120 -11.19 -2.89 3.54
CA THR D 120 -10.08 -2.45 2.70
C THR D 120 -9.99 -3.19 1.37
N PHE D 121 -10.28 -2.48 0.29
CA PHE D 121 -10.21 -3.04 -1.05
C PHE D 121 -8.89 -2.66 -1.74
N LEU D 122 -8.36 -3.57 -2.55
CA LEU D 122 -7.16 -3.35 -3.38
C LEU D 122 -5.93 -2.79 -2.65
N LYS D 123 -5.79 -3.12 -1.38
CA LYS D 123 -4.63 -2.72 -0.57
C LYS D 123 -4.65 -1.28 -0.02
N ASP D 124 -5.44 -0.38 -0.63
CA ASP D 124 -5.43 1.02 -0.21
C ASP D 124 -6.80 1.69 -0.10
N PHE D 125 -7.83 1.09 -0.71
CA PHE D 125 -9.15 1.69 -0.74
C PHE D 125 -10.03 1.27 0.45
N THR D 126 -9.98 2.05 1.53
CA THR D 126 -10.68 1.71 2.78
C THR D 126 -11.98 2.50 2.97
N TYR D 127 -13.08 1.78 3.21
CA TYR D 127 -14.41 2.38 3.27
C TYR D 127 -15.25 1.95 4.48
N SER D 128 -16.01 2.90 5.01
CA SER D 128 -16.92 2.67 6.15
C SER D 128 -18.35 2.48 5.66
N LYS D 129 -19.26 2.30 6.62
CA LYS D 129 -20.70 2.13 6.34
C LYS D 129 -21.25 3.27 5.54
N ASP D 130 -20.77 4.47 5.87
CA ASP D 130 -21.21 5.70 5.25
C ASP D 130 -20.65 5.92 3.85
N ASP D 131 -19.43 5.41 3.60
CA ASP D 131 -18.84 5.45 2.26
C ASP D 131 -19.67 4.58 1.31
N PHE D 132 -20.01 3.38 1.76
CA PHE D 132 -20.88 2.49 1.00
C PHE D 132 -22.19 3.20 0.65
N HIS D 133 -22.78 3.90 1.62
CA HIS D 133 -24.05 4.57 1.42
C HIS D 133 -23.89 5.74 0.45
N ARG D 134 -22.85 6.53 0.63
CA ARG D 134 -22.45 7.58 -0.31
C ARG D 134 -22.38 7.07 -1.75
N ALA D 135 -22.05 5.78 -1.90
CA ALA D 135 -21.96 5.12 -3.19
C ALA D 135 -23.33 4.67 -3.72
N GLY D 136 -24.39 5.02 -3.00
CA GLY D 136 -25.75 4.76 -3.45
C GLY D 136 -26.26 3.34 -3.29
N LEU D 137 -25.65 2.59 -2.36
CA LEU D 137 -26.18 1.31 -1.96
C LEU D 137 -27.20 1.52 -0.83
N GLN D 138 -28.23 0.67 -0.77
CA GLN D 138 -29.29 0.76 0.23
C GLN D 138 -28.79 0.29 1.60
N VAL D 139 -29.33 0.90 2.65
CA VAL D 139 -28.95 0.58 4.04
C VAL D 139 -29.27 -0.89 4.37
N GLU D 140 -30.41 -1.36 3.85
CA GLU D 140 -30.80 -2.78 3.90
C GLU D 140 -29.76 -3.74 3.33
N PHE D 141 -28.90 -3.27 2.42
CA PHE D 141 -27.79 -4.10 1.91
C PHE D 141 -26.53 -3.92 2.74
N ILE D 142 -26.20 -2.67 3.05
CA ILE D 142 -24.97 -2.31 3.80
C ILE D 142 -24.91 -2.83 5.23
N ASN D 143 -26.03 -2.76 5.94
CA ASN D 143 -26.04 -3.19 7.34
C ASN D 143 -25.69 -4.69 7.49
N PRO D 144 -26.38 -5.59 6.77
CA PRO D 144 -25.98 -7.02 6.76
C PRO D 144 -24.58 -7.31 6.25
N ILE D 145 -24.04 -6.51 5.33
CA ILE D 145 -22.67 -6.73 4.89
C ILE D 145 -21.74 -6.55 6.08
N PHE D 146 -21.97 -5.47 6.84
CA PHE D 146 -21.13 -5.16 7.99
C PHE D 146 -21.39 -6.09 9.17
N GLU D 147 -22.65 -6.46 9.37
CA GLU D 147 -23.02 -7.40 10.41
C GLU D 147 -22.32 -8.74 10.14
N PHE D 148 -22.32 -9.15 8.87
CA PHE D 148 -21.66 -10.38 8.45
C PHE D 148 -20.13 -10.32 8.61
N SER D 149 -19.53 -9.17 8.30
CA SER D 149 -18.08 -8.94 8.42
C SER D 149 -17.56 -8.99 9.86
N ARG D 150 -18.33 -8.44 10.80
CA ARG D 150 -18.00 -8.46 12.21
C ARG D 150 -18.02 -9.89 12.73
N ALA D 151 -19.00 -10.67 12.27
CA ALA D 151 -19.20 -12.06 12.70
C ALA D 151 -18.05 -12.93 12.23
N MET D 152 -17.60 -12.70 11.00
CA MET D 152 -16.44 -13.36 10.44
C MET D 152 -15.15 -13.00 11.19
N ARG D 153 -14.93 -11.72 11.43
CA ARG D 153 -13.72 -11.28 12.14
C ARG D 153 -13.59 -11.97 13.50
N ARG D 154 -14.71 -12.08 14.21
CA ARG D 154 -14.79 -12.79 15.48
C ARG D 154 -14.25 -14.23 15.38
N LEU D 155 -14.53 -14.90 14.27
CA LEU D 155 -14.14 -16.29 14.07
C LEU D 155 -12.63 -16.55 13.92
N GLY D 156 -11.90 -15.55 13.43
CA GLY D 156 -10.46 -15.62 13.32
C GLY D 156 -10.01 -16.65 12.29
N LEU D 157 -10.64 -16.61 11.13
CA LEU D 157 -10.31 -17.51 10.04
C LEU D 157 -8.95 -17.17 9.44
N ASP D 158 -8.12 -18.18 9.26
CA ASP D 158 -6.86 -17.99 8.53
C ASP D 158 -7.07 -18.23 7.03
N ASP D 159 -6.02 -18.04 6.25
CA ASP D 159 -6.11 -18.12 4.78
C ASP D 159 -6.59 -19.48 4.27
N ALA D 160 -6.17 -20.54 4.95
CA ALA D 160 -6.61 -21.90 4.64
C ALA D 160 -8.13 -22.07 4.78
N GLU D 161 -8.68 -21.65 5.92
CA GLU D 161 -10.11 -21.77 6.18
C GLU D 161 -10.99 -20.97 5.20
N TYR D 162 -10.58 -19.75 4.87
CA TYR D 162 -11.26 -18.96 3.83
C TYR D 162 -11.30 -19.68 2.49
N ALA D 163 -10.15 -20.22 2.06
CA ALA D 163 -10.01 -20.94 0.79
C ALA D 163 -10.89 -22.19 0.66
N LEU D 164 -10.94 -23.01 1.71
CA LEU D 164 -11.80 -24.20 1.75
C LEU D 164 -13.28 -23.82 1.78
N LEU D 165 -13.63 -22.84 2.61
CA LEU D 165 -15.00 -22.30 2.68
C LEU D 165 -15.51 -21.78 1.32
N ILE D 166 -14.61 -21.20 0.54
CA ILE D 166 -14.92 -20.78 -0.82
C ILE D 166 -15.12 -21.98 -1.75
N ALA D 167 -14.31 -23.03 -1.56
CA ALA D 167 -14.44 -24.25 -2.36
C ALA D 167 -15.76 -24.97 -2.06
N ILE D 168 -16.07 -25.11 -0.77
CA ILE D 168 -17.34 -25.70 -0.32
C ILE D 168 -18.53 -24.92 -0.87
N ASN D 169 -18.45 -23.59 -0.78
CA ASN D 169 -19.44 -22.68 -1.36
C ASN D 169 -19.69 -22.93 -2.86
N ILE D 170 -18.63 -22.98 -3.66
CA ILE D 170 -18.74 -23.17 -5.12
C ILE D 170 -19.46 -24.48 -5.44
N PHE D 171 -19.04 -25.55 -4.78
CA PHE D 171 -19.61 -26.87 -5.03
C PHE D 171 -20.92 -27.09 -4.27
N SER D 172 -21.93 -26.33 -4.65
CA SER D 172 -23.24 -26.41 -4.04
C SER D 172 -24.28 -27.02 -4.97
N ALA D 173 -24.80 -28.18 -4.57
CA ALA D 173 -25.72 -28.98 -5.40
C ALA D 173 -27.09 -28.35 -5.64
N ASP D 174 -27.49 -27.43 -4.77
CA ASP D 174 -28.83 -26.82 -4.79
C ASP D 174 -28.94 -25.51 -5.59
N ARG D 175 -27.85 -25.12 -6.27
CA ARG D 175 -27.85 -23.90 -7.07
C ARG D 175 -28.91 -23.96 -8.19
N PRO D 176 -29.49 -22.80 -8.55
CA PRO D 176 -30.42 -22.75 -9.69
C PRO D 176 -29.82 -23.34 -10.97
N ASN D 177 -30.64 -24.09 -11.72
CA ASN D 177 -30.26 -24.69 -12.99
C ASN D 177 -29.08 -25.67 -12.90
N VAL D 178 -29.01 -26.43 -11.80
CA VAL D 178 -27.99 -27.47 -11.67
C VAL D 178 -28.47 -28.75 -12.35
N GLN D 179 -27.75 -29.17 -13.38
CA GLN D 179 -28.12 -30.34 -14.20
C GLN D 179 -27.68 -31.66 -13.58
N GLU D 180 -26.55 -31.63 -12.87
CA GLU D 180 -26.02 -32.83 -12.23
C GLU D 180 -25.76 -32.57 -10.75
N PRO D 181 -26.82 -32.55 -9.93
CA PRO D 181 -26.67 -32.25 -8.51
C PRO D 181 -25.80 -33.26 -7.75
N GLY D 182 -25.95 -34.54 -8.09
CA GLY D 182 -25.21 -35.62 -7.44
C GLY D 182 -23.70 -35.60 -7.65
N ARG D 183 -23.27 -35.02 -8.77
CA ARG D 183 -21.84 -34.85 -9.04
C ARG D 183 -21.25 -33.73 -8.20
N VAL D 184 -21.97 -32.61 -8.13
CA VAL D 184 -21.52 -31.41 -7.43
C VAL D 184 -21.21 -31.69 -5.95
N GLU D 185 -22.12 -32.40 -5.29
CA GLU D 185 -21.94 -32.75 -3.87
C GLU D 185 -20.78 -33.74 -3.61
N ALA D 186 -20.44 -34.54 -4.61
CA ALA D 186 -19.31 -35.48 -4.50
C ALA D 186 -17.96 -34.76 -4.57
N LEU D 187 -17.98 -33.55 -5.12
CA LEU D 187 -16.79 -32.70 -5.20
C LEU D 187 -16.70 -31.71 -4.03
N GLN D 188 -17.80 -31.52 -3.32
CA GLN D 188 -17.81 -30.67 -2.13
C GLN D 188 -17.27 -31.42 -0.92
N GLN D 189 -17.53 -32.72 -0.88
CA GLN D 189 -17.25 -33.57 0.29
C GLN D 189 -15.79 -33.52 0.79
N PRO D 190 -14.79 -33.74 -0.11
CA PRO D 190 -13.40 -33.66 0.34
C PRO D 190 -13.02 -32.31 0.97
N TYR D 191 -13.58 -31.21 0.47
CA TYR D 191 -13.30 -29.88 1.03
C TYR D 191 -13.89 -29.66 2.43
N VAL D 192 -15.06 -30.26 2.67
CA VAL D 192 -15.70 -30.22 3.99
C VAL D 192 -14.89 -31.07 4.99
N GLU D 193 -14.37 -32.19 4.50
CA GLU D 193 -13.56 -33.07 5.33
C GLU D 193 -12.22 -32.43 5.67
N ALA D 194 -11.56 -31.85 4.66
CA ALA D 194 -10.33 -31.08 4.84
C ALA D 194 -10.50 -29.98 5.89
N LEU D 195 -11.63 -29.25 5.82
CA LEU D 195 -11.92 -28.18 6.78
C LEU D 195 -12.16 -28.71 8.19
N LEU D 196 -12.90 -29.80 8.31
CA LEU D 196 -13.17 -30.42 9.61
C LEU D 196 -11.87 -30.83 10.30
N SER D 197 -10.98 -31.48 9.54
CA SER D 197 -9.71 -31.95 10.06
C SER D 197 -8.78 -30.79 10.40
N TYR D 198 -8.78 -29.78 9.53
CA TYR D 198 -7.90 -28.61 9.68
C TYR D 198 -8.17 -27.86 10.99
N THR D 199 -9.42 -27.44 11.18
CA THR D 199 -9.83 -26.61 12.32
C THR D 199 -9.71 -27.34 13.66
N ARG D 200 -9.75 -28.67 13.60
CA ARG D 200 -9.56 -29.54 14.77
C ARG D 200 -8.11 -29.56 15.28
N ILE D 201 -7.16 -29.37 14.36
CA ILE D 201 -5.74 -29.28 14.71
C ILE D 201 -5.41 -27.86 15.21
N LYS D 202 -6.03 -26.86 14.59
CA LYS D 202 -5.80 -25.45 14.91
C LYS D 202 -6.38 -25.05 16.28
N ARG D 203 -7.65 -25.37 16.49
CA ARG D 203 -8.31 -25.13 17.77
C ARG D 203 -8.88 -26.45 18.31
N PRO D 204 -8.03 -27.27 18.96
CA PRO D 204 -8.51 -28.54 19.51
C PRO D 204 -9.39 -28.36 20.75
N GLN D 205 -9.50 -27.14 21.26
CA GLN D 205 -10.32 -26.86 22.43
C GLN D 205 -11.69 -26.28 22.05
N ASP D 206 -11.76 -25.67 20.87
CA ASP D 206 -13.00 -25.02 20.39
C ASP D 206 -13.78 -25.89 19.39
N GLN D 207 -14.64 -26.74 19.93
CA GLN D 207 -15.48 -27.66 19.14
C GLN D 207 -16.53 -26.96 18.27
N LEU D 208 -16.84 -25.71 18.58
CA LEU D 208 -17.91 -24.98 17.87
C LEU D 208 -17.44 -24.18 16.67
N ARG D 209 -16.13 -23.93 16.59
CA ARG D 209 -15.53 -23.15 15.52
C ARG D 209 -16.00 -23.59 14.12
N PHE D 210 -15.95 -24.89 13.86
CA PHE D 210 -16.30 -25.47 12.57
C PHE D 210 -17.80 -25.38 12.21
N PRO D 211 -18.70 -25.82 13.12
CA PRO D 211 -20.13 -25.58 12.86
C PRO D 211 -20.54 -24.12 12.68
N ARG D 212 -19.89 -23.19 13.40
CA ARG D 212 -20.15 -21.76 13.20
C ARG D 212 -19.68 -21.29 11.82
N MET D 213 -18.60 -21.87 11.32
CA MET D 213 -18.10 -21.55 9.99
C MET D 213 -19.12 -21.95 8.93
N LEU D 214 -19.62 -23.17 9.03
CA LEU D 214 -20.64 -23.70 8.12
C LEU D 214 -21.94 -22.90 8.13
N MET D 215 -22.25 -22.32 9.29
CA MET D 215 -23.39 -21.43 9.44
C MET D 215 -23.26 -20.19 8.56
N LYS D 216 -22.02 -19.76 8.30
CA LYS D 216 -21.78 -18.58 7.47
C LYS D 216 -22.26 -18.78 6.03
N LEU D 217 -22.38 -20.05 5.62
CA LEU D 217 -22.95 -20.42 4.31
C LEU D 217 -24.46 -20.19 4.30
N VAL D 218 -25.09 -20.30 5.46
CA VAL D 218 -26.51 -19.99 5.63
C VAL D 218 -26.74 -18.48 5.50
N SER D 219 -25.87 -17.69 6.14
CA SER D 219 -25.92 -16.24 6.08
C SER D 219 -25.73 -15.73 4.66
N LEU D 220 -24.75 -16.28 3.97
CA LEU D 220 -24.43 -15.89 2.59
C LEU D 220 -25.60 -16.08 1.63
N ARG D 221 -26.38 -17.13 1.82
CA ARG D 221 -27.59 -17.33 1.00
C ARG D 221 -28.54 -16.16 1.12
N THR D 222 -28.77 -15.70 2.36
CA THR D 222 -29.66 -14.57 2.67
C THR D 222 -29.10 -13.24 2.11
N LEU D 223 -27.80 -13.05 2.24
CA LEU D 223 -27.09 -11.90 1.66
C LEU D 223 -27.19 -11.87 0.14
N SER D 224 -27.23 -13.04 -0.47
CA SER D 224 -27.46 -13.10 -1.91
C SER D 224 -28.89 -12.66 -2.26
N SER D 225 -29.86 -13.07 -1.44
CA SER D 225 -31.26 -12.69 -1.60
C SER D 225 -31.44 -11.18 -1.44
N VAL D 226 -30.77 -10.61 -0.44
CA VAL D 226 -30.77 -9.18 -0.18
C VAL D 226 -30.12 -8.38 -1.33
N HIS D 227 -28.97 -8.85 -1.82
CA HIS D 227 -28.29 -8.24 -2.97
C HIS D 227 -29.19 -8.11 -4.23
N SER D 228 -29.98 -9.14 -4.51
CA SER D 228 -30.91 -9.13 -5.65
C SER D 228 -32.02 -8.09 -5.50
N GLU D 229 -32.43 -7.84 -4.26
CA GLU D 229 -33.38 -6.78 -3.95
C GLU D 229 -32.70 -5.43 -4.24
N GLN D 230 -31.40 -5.35 -3.94
CA GLN D 230 -30.60 -4.16 -4.18
C GLN D 230 -30.52 -3.80 -5.67
N VAL D 231 -30.29 -4.80 -6.53
CA VAL D 231 -30.19 -4.55 -7.97
C VAL D 231 -31.56 -4.16 -8.58
N PHE D 232 -32.63 -4.73 -8.04
CA PHE D 232 -33.99 -4.43 -8.48
C PHE D 232 -34.38 -3.00 -8.08
N ALA D 233 -33.93 -2.58 -6.91
CA ALA D 233 -34.14 -1.23 -6.41
C ALA D 233 -33.40 -0.18 -7.24
N LEU D 234 -32.29 -0.59 -7.86
CA LEU D 234 -31.52 0.27 -8.74
C LEU D 234 -32.25 0.55 -10.06
N ARG D 235 -32.83 -0.50 -10.66
CA ARG D 235 -33.55 -0.36 -11.94
C ARG D 235 -34.69 0.65 -11.85
N LEU D 236 -35.39 0.66 -10.73
CA LEU D 236 -36.46 1.62 -10.47
C LEU D 236 -35.90 3.03 -10.25
N GLN D 237 -34.69 3.08 -9.66
CA GLN D 237 -33.95 4.33 -9.49
C GLN D 237 -33.21 4.71 -10.78
N ASP D 238 -33.37 3.88 -11.82
CA ASP D 238 -32.79 4.08 -13.15
C ASP D 238 -31.25 4.02 -13.24
N LYS D 239 -30.61 3.75 -12.10
CA LYS D 239 -29.17 3.48 -12.07
C LYS D 239 -28.90 2.09 -12.65
N LYS D 240 -28.11 2.04 -13.71
CA LYS D 240 -27.78 0.77 -14.36
C LYS D 240 -26.36 0.27 -14.04
N LEU D 241 -26.14 -1.03 -14.28
CA LEU D 241 -24.86 -1.68 -14.04
C LEU D 241 -24.10 -1.95 -15.34
N PRO D 242 -22.77 -2.17 -15.26
CA PRO D 242 -21.97 -2.48 -16.45
C PRO D 242 -22.29 -3.89 -16.94
N PRO D 243 -22.04 -4.17 -18.25
CA PRO D 243 -22.36 -5.47 -18.85
C PRO D 243 -21.98 -6.69 -18.01
N LEU D 244 -20.71 -6.77 -17.58
CA LEU D 244 -20.21 -7.91 -16.81
C LEU D 244 -21.00 -8.19 -15.52
N LEU D 245 -21.40 -7.13 -14.80
CA LEU D 245 -22.24 -7.27 -13.60
C LEU D 245 -23.72 -7.45 -13.95
N SER D 246 -24.13 -6.89 -15.09
CA SER D 246 -25.49 -7.08 -15.60
C SER D 246 -25.73 -8.51 -16.10
N GLU D 247 -24.65 -9.17 -16.56
CA GLU D 247 -24.71 -10.57 -17.01
C GLU D 247 -24.88 -11.57 -15.86
N ILE D 248 -24.14 -11.35 -14.77
CA ILE D 248 -24.25 -12.22 -13.59
C ILE D 248 -25.55 -11.97 -12.86
N TRP D 249 -25.87 -10.70 -12.64
CA TRP D 249 -26.89 -10.32 -11.67
C TRP D 249 -28.25 -9.94 -12.24
N ASP D 250 -28.26 -9.25 -13.38
CA ASP D 250 -29.52 -8.74 -13.94
C ASP D 250 -30.14 -9.77 -14.89
C1 61X E . 26.20 -2.26 10.65
F1 61X E . 15.08 5.58 9.33
N1 61X E . 17.49 4.67 7.72
O1 61X E . 27.97 -0.55 11.42
S1 61X E . 27.64 -1.32 10.25
C2 61X E . 27.10 -0.11 9.07
F2 61X E . 14.75 4.61 7.42
O2 61X E . 28.62 -2.18 9.62
C3 61X E . 27.85 0.21 7.94
F3 61X E . 13.66 4.01 9.14
O3 61X E . 24.22 2.11 8.79
C4 61X E . 27.36 1.19 7.05
C5 61X E . 26.14 1.86 7.29
C6 61X E . 25.42 1.51 8.45
C7 61X E . 25.89 0.54 9.33
C8 61X E . 23.02 1.50 8.50
C9 61X E . 22.85 0.12 8.30
C10 61X E . 21.58 -0.39 7.99
C11 61X E . 20.49 0.49 7.91
C12 61X E . 20.66 1.88 8.13
C13 61X E . 21.94 2.38 8.42
C14 61X E . 19.53 2.81 8.04
C15 61X E . 19.75 3.99 7.31
C16 61X E . 18.72 4.88 7.18
C17 61X E . 17.24 3.55 8.42
C18 61X E . 18.23 2.56 8.61
C19 61X E . 17.89 1.40 9.36
C20 61X E . 16.61 1.21 9.91
C21 61X E . 15.64 2.19 9.72
C22 61X E . 15.95 3.35 8.98
C23 61X E . 14.90 4.38 8.75
C1 61X F . 12.21 37.58 -14.40
F1 61X F . 6.77 27.56 -6.92
N1 61X F . 9.20 29.08 -7.11
O1 61X F . 13.66 36.53 -16.24
S1 61X F . 13.84 37.16 -14.95
C2 61X F . 14.32 35.91 -13.80
F2 61X F . 7.35 28.48 -5.07
O2 61X F . 14.73 38.28 -14.78
C3 61X F . 15.66 35.67 -13.45
F3 61X F . 5.31 28.69 -5.74
O3 61X F . 12.51 33.50 -11.86
C4 61X F . 15.95 34.67 -12.52
C5 61X F . 14.93 33.90 -11.94
C6 61X F . 13.61 34.19 -12.31
C7 61X F . 13.30 35.17 -13.24
C8 61X F . 11.87 33.76 -10.68
C9 61X F . 11.71 35.01 -10.09
C10 61X F . 11.01 35.09 -8.89
C11 61X F . 10.48 33.92 -8.30
C12 61X F . 10.62 32.67 -8.94
C13 61X F . 11.34 32.60 -10.12
C14 61X F . 10.07 31.46 -8.31
C15 61X F . 10.95 30.38 -8.13
C16 61X F . 10.47 29.23 -7.53
C17 61X F . 8.33 30.12 -7.28
C18 61X F . 8.72 31.35 -7.89
C19 61X F . 7.74 32.38 -8.03
C20 61X F . 6.43 32.22 -7.59
C21 61X F . 6.06 31.02 -7.00
C22 61X F . 7.00 29.97 -6.85
C23 61X F . 6.59 28.68 -6.19
C1 61X G . -11.16 -4.70 -5.25
F1 61X G . -25.52 -3.79 -5.89
N1 61X G . -23.15 -5.20 -5.60
O1 61X G . -10.51 -7.16 -5.52
S1 61X G . -10.90 -6.25 -4.46
C2 61X G . -12.51 -6.72 -3.88
F2 61X G . -25.49 -2.51 -7.65
O2 61X G . -10.10 -6.07 -3.26
C3 61X G . -12.67 -7.59 -2.79
F3 61X G . -24.89 -4.60 -7.80
O3 61X G . -15.92 -5.99 -4.85
C4 61X G . -13.96 -7.94 -2.38
C5 61X G . -15.08 -7.42 -3.03
C6 61X G . -14.91 -6.54 -4.11
C7 61X G . -13.62 -6.20 -4.55
C8 61X G . -16.81 -5.05 -4.39
C9 61X G . -16.46 -3.94 -3.61
C10 61X G . -17.46 -3.05 -3.21
C11 61X G . -18.79 -3.26 -3.61
C12 61X G . -19.14 -4.36 -4.43
C13 61X G . -18.13 -5.25 -4.81
C14 61X G . -20.53 -4.59 -4.86
C15 61X G . -21.12 -5.82 -4.52
C16 61X G . -22.41 -6.09 -4.92
C17 61X G . -22.62 -4.00 -5.95
C18 61X G . -21.29 -3.64 -5.59
C19 61X G . -20.82 -2.36 -6.00
C20 61X G . -21.61 -1.46 -6.72
C21 61X G . -22.90 -1.84 -7.05
C22 61X G . -23.40 -3.10 -6.67
C23 61X G . -24.81 -3.49 -7.02
#